data_1WUE
#
_entry.id   1WUE
#
_cell.length_a   136.807
_cell.length_b   136.807
_cell.length_c   112.771
_cell.angle_alpha   90.00
_cell.angle_beta   90.00
_cell.angle_gamma   120.00
#
_symmetry.space_group_name_H-M   'H 3'
#
loop_
_entity.id
_entity.type
_entity.pdbx_description
1 polymer 'mandelate racemase/muconate lactonizing enzyme family protein'
2 water water
#
_entity_poly.entity_id   1
_entity_poly.type   'polypeptide(L)'
_entity_poly.pdbx_seq_one_letter_code
;GHHHHHHHHHHGLVPRGSHMNIQSIETYQVRLPLKTPFVTSYGRLEEKAFDLFVITDEQGNQGFGELVAFEQPDYVQETL
VTERFIIQQHLIPLLLTEAIEQPQEVSTIFEEVKGHWMGKAALETAIWDLYAKRQQKSLTEFFGPTRRKIPVGISLGIQE
DLPQLLKQVQLAVEKGYQRVKLKIRPGYDVEPVALIRQHFPNLPLMVDANSAYTLADLPQLQRLDHYQLAMIEQPFAADD
FLDHAQLQRELKTRICLDENIRSLKDCQVALALGSCRSINLKIPRVGGIHEALKIAAFCQENDLLVWLGGMFESGVGRAL
NLQFASQPTFSFPGDISATERYFYEDIITEPFILEQGTMTVPQGLGIGVTLSQTNLLKYSQYQKIM
;
_entity_poly.pdbx_strand_id   A,B
#
# COMPACT_ATOMS: atom_id res chain seq x y z
N GLY A 17 -11.09 28.04 25.26
CA GLY A 17 -10.81 26.71 24.63
C GLY A 17 -9.41 26.64 24.06
N SER A 18 -8.81 25.46 24.09
CA SER A 18 -7.45 25.29 23.56
C SER A 18 -7.45 24.41 22.31
N HIS A 19 -8.21 24.82 21.30
CA HIS A 19 -8.27 24.05 20.05
C HIS A 19 -7.92 24.88 18.82
N MET A 20 -7.22 24.23 17.89
CA MET A 20 -6.79 24.86 16.65
C MET A 20 -7.93 24.97 15.64
N ASN A 21 -8.54 26.15 15.57
CA ASN A 21 -9.62 26.39 14.63
C ASN A 21 -9.03 26.78 13.29
N ILE A 22 -9.07 25.86 12.33
CA ILE A 22 -8.52 26.12 11.00
C ILE A 22 -9.39 27.11 10.24
N GLN A 23 -8.79 28.25 9.89
CA GLN A 23 -9.49 29.30 9.17
C GLN A 23 -9.29 29.20 7.68
N SER A 24 -8.15 28.67 7.26
CA SER A 24 -7.88 28.53 5.83
C SER A 24 -6.79 27.51 5.53
N ILE A 25 -6.88 26.93 4.35
CA ILE A 25 -5.90 25.95 3.90
C ILE A 25 -5.52 26.33 2.48
N GLU A 26 -4.24 26.59 2.29
CA GLU A 26 -3.72 26.97 0.98
C GLU A 26 -2.69 25.95 0.52
N THR A 27 -2.60 25.78 -0.79
CA THR A 27 -1.64 24.85 -1.33
C THR A 27 -0.89 25.44 -2.51
N TYR A 28 0.36 25.01 -2.66
CA TYR A 28 1.20 25.44 -3.76
C TYR A 28 1.74 24.19 -4.45
N GLN A 29 1.51 24.08 -5.76
CA GLN A 29 2.03 22.95 -6.51
C GLN A 29 3.33 23.48 -7.08
N VAL A 30 4.44 23.07 -6.47
CA VAL A 30 5.76 23.51 -6.86
C VAL A 30 6.52 22.53 -7.75
N ARG A 31 7.39 23.08 -8.58
CA ARG A 31 8.24 22.30 -9.46
C ARG A 31 9.57 23.02 -9.37
N LEU A 32 10.49 22.47 -8.57
CA LEU A 32 11.78 23.09 -8.35
C LEU A 32 12.87 22.46 -9.24
N PRO A 33 13.56 23.30 -10.04
CA PRO A 33 14.62 22.89 -10.96
C PRO A 33 15.72 22.07 -10.28
N LEU A 34 16.04 20.91 -10.85
CA LEU A 34 17.07 20.03 -10.30
C LEU A 34 18.41 20.26 -10.99
N LYS A 35 19.50 20.10 -10.23
CA LYS A 35 20.82 20.28 -10.80
C LYS A 35 21.14 19.08 -11.69
N THR A 36 20.50 17.95 -11.40
CA THR A 36 20.67 16.73 -12.16
C THR A 36 19.29 16.10 -12.37
N PRO A 37 18.65 16.35 -13.52
CA PRO A 37 17.33 15.82 -13.84
C PRO A 37 17.14 14.33 -13.56
N PHE A 38 15.92 13.94 -13.23
CA PHE A 38 15.60 12.54 -12.97
C PHE A 38 15.43 11.79 -14.30
N VAL A 39 15.76 10.50 -14.29
CA VAL A 39 15.59 9.67 -15.47
C VAL A 39 14.67 8.52 -15.08
N THR A 40 13.41 8.59 -15.51
CA THR A 40 12.43 7.55 -15.18
C THR A 40 11.99 6.75 -16.41
N SER A 41 11.26 5.67 -16.16
CA SER A 41 10.74 4.82 -17.23
C SER A 41 9.63 5.55 -17.95
N TYR A 42 9.27 6.72 -17.44
CA TYR A 42 8.19 7.51 -18.02
C TYR A 42 8.71 8.83 -18.59
N GLY A 43 10.03 9.01 -18.55
CA GLY A 43 10.62 10.23 -19.06
C GLY A 43 11.52 10.98 -18.09
N ARG A 44 12.30 11.91 -18.64
CA ARG A 44 13.21 12.73 -17.84
C ARG A 44 12.49 13.86 -17.12
N LEU A 45 12.79 14.03 -15.84
CA LEU A 45 12.17 15.09 -15.06
C LEU A 45 13.22 16.12 -14.66
N GLU A 46 13.11 17.31 -15.23
CA GLU A 46 14.06 18.37 -14.95
C GLU A 46 13.88 19.00 -13.58
N GLU A 47 12.78 18.69 -12.91
CA GLU A 47 12.54 19.25 -11.59
C GLU A 47 11.84 18.28 -10.66
N LYS A 48 11.95 18.54 -9.35
CA LYS A 48 11.30 17.71 -8.34
C LYS A 48 9.99 18.41 -8.04
N ALA A 49 8.88 17.77 -8.35
CA ALA A 49 7.59 18.36 -8.07
C ALA A 49 7.16 17.99 -6.65
N PHE A 50 6.44 18.89 -6.01
CA PHE A 50 5.94 18.65 -4.67
C PHE A 50 4.92 19.73 -4.37
N ASP A 51 4.01 19.44 -3.45
CA ASP A 51 2.98 20.40 -3.07
C ASP A 51 3.23 20.80 -1.62
N LEU A 52 2.99 22.07 -1.33
CA LEU A 52 3.17 22.60 0.01
C LEU A 52 1.76 22.88 0.50
N PHE A 53 1.55 22.77 1.81
CA PHE A 53 0.24 23.06 2.38
C PHE A 53 0.41 24.04 3.52
N VAL A 54 -0.42 25.09 3.53
CA VAL A 54 -0.36 26.09 4.59
C VAL A 54 -1.70 26.14 5.31
N ILE A 55 -1.66 25.84 6.60
CA ILE A 55 -2.86 25.81 7.43
C ILE A 55 -2.80 26.96 8.42
N THR A 56 -3.74 27.89 8.29
CA THR A 56 -3.80 29.06 9.16
C THR A 56 -4.95 28.96 10.17
N ASP A 57 -4.64 29.16 11.46
CA ASP A 57 -5.68 29.10 12.47
C ASP A 57 -6.34 30.47 12.66
N GLU A 58 -7.13 30.62 13.72
CA GLU A 58 -7.82 31.89 13.98
C GLU A 58 -6.92 32.98 14.52
N GLN A 59 -5.75 32.60 15.03
CA GLN A 59 -4.80 33.55 15.57
C GLN A 59 -3.86 34.10 14.51
N GLY A 60 -3.91 33.52 13.31
CA GLY A 60 -3.03 33.98 12.25
C GLY A 60 -1.78 33.11 12.16
N ASN A 61 -1.69 32.12 13.05
CA ASN A 61 -0.56 31.21 13.03
C ASN A 61 -0.68 30.34 11.77
N GLN A 62 0.45 29.95 11.20
CA GLN A 62 0.45 29.13 10.00
C GLN A 62 1.34 27.91 10.11
N GLY A 63 0.79 26.75 9.76
CA GLY A 63 1.56 25.52 9.79
C GLY A 63 1.93 25.14 8.37
N PHE A 64 3.17 24.69 8.16
CA PHE A 64 3.64 24.30 6.83
C PHE A 64 3.91 22.80 6.76
N GLY A 65 3.50 22.20 5.65
CA GLY A 65 3.71 20.77 5.45
C GLY A 65 4.00 20.54 3.98
N GLU A 66 4.63 19.42 3.67
CA GLU A 66 4.97 19.13 2.27
C GLU A 66 4.57 17.73 1.82
N LEU A 67 4.04 17.64 0.60
CA LEU A 67 3.69 16.34 0.01
C LEU A 67 4.89 16.06 -0.89
N VAL A 68 5.66 15.03 -0.53
CA VAL A 68 6.89 14.69 -1.24
C VAL A 68 6.84 13.61 -2.31
N ALA A 69 5.72 12.88 -2.38
CA ALA A 69 5.55 11.78 -3.33
C ALA A 69 6.10 12.04 -4.74
N PHE A 70 6.81 11.05 -5.27
CA PHE A 70 7.38 11.17 -6.62
C PHE A 70 6.29 11.15 -7.69
N GLU A 71 6.64 11.54 -8.90
CA GLU A 71 5.69 11.56 -9.98
C GLU A 71 5.48 10.21 -10.67
N GLN A 72 6.15 9.18 -10.18
CA GLN A 72 5.99 7.83 -10.72
C GLN A 72 6.05 6.87 -9.54
N PRO A 73 5.28 5.77 -9.59
CA PRO A 73 5.28 4.81 -8.48
C PRO A 73 6.40 3.78 -8.54
N ASP A 74 7.63 4.22 -8.64
CA ASP A 74 8.76 3.30 -8.72
C ASP A 74 9.40 3.05 -7.36
N TYR A 75 9.46 4.07 -6.52
CA TYR A 75 10.05 3.92 -5.19
C TYR A 75 9.01 3.22 -4.33
N VAL A 76 7.88 3.90 -4.15
CA VAL A 76 6.78 3.40 -3.35
C VAL A 76 5.50 3.70 -4.16
N GLN A 77 4.37 3.14 -3.78
CA GLN A 77 3.15 3.34 -4.55
C GLN A 77 2.60 4.75 -4.69
N GLU A 78 2.71 5.58 -3.66
CA GLU A 78 2.16 6.93 -3.79
C GLU A 78 2.82 7.76 -4.88
N THR A 79 2.01 8.56 -5.58
CA THR A 79 2.54 9.48 -6.59
C THR A 79 1.95 10.85 -6.22
N LEU A 80 2.62 11.91 -6.65
CA LEU A 80 2.19 13.26 -6.33
C LEU A 80 0.75 13.55 -6.71
N VAL A 81 0.39 13.23 -7.94
CA VAL A 81 -0.96 13.48 -8.43
C VAL A 81 -2.05 12.74 -7.66
N THR A 82 -1.85 11.45 -7.41
CA THR A 82 -2.89 10.71 -6.71
C THR A 82 -3.02 11.11 -5.22
N GLU A 83 -1.89 11.34 -4.53
CA GLU A 83 -1.97 11.77 -3.12
C GLU A 83 -2.61 13.15 -3.04
N ARG A 84 -2.34 14.00 -4.03
CA ARG A 84 -2.92 15.34 -4.07
C ARG A 84 -4.44 15.23 -4.10
N PHE A 85 -4.93 14.22 -4.81
CA PHE A 85 -6.37 13.99 -4.93
C PHE A 85 -6.96 13.45 -3.62
N ILE A 86 -6.29 12.46 -3.04
CA ILE A 86 -6.76 11.88 -1.78
C ILE A 86 -6.83 12.95 -0.69
N ILE A 87 -5.86 13.86 -0.70
CA ILE A 87 -5.81 14.94 0.28
C ILE A 87 -7.06 15.82 0.25
N GLN A 88 -7.46 16.25 -0.94
CA GLN A 88 -8.65 17.10 -1.04
C GLN A 88 -9.98 16.35 -0.97
N GLN A 89 -10.01 15.13 -1.47
CA GLN A 89 -11.23 14.34 -1.46
C GLN A 89 -11.55 13.65 -0.14
N HIS A 90 -10.53 13.19 0.56
CA HIS A 90 -10.76 12.46 1.80
C HIS A 90 -10.11 12.99 3.08
N LEU A 91 -8.80 13.27 3.03
CA LEU A 91 -8.10 13.73 4.23
C LEU A 91 -8.50 15.12 4.76
N ILE A 92 -8.57 16.13 3.91
CA ILE A 92 -8.94 17.46 4.40
C ILE A 92 -10.33 17.46 5.02
N PRO A 93 -11.32 16.84 4.37
CA PRO A 93 -12.66 16.84 4.98
C PRO A 93 -12.61 16.19 6.37
N LEU A 94 -11.84 15.11 6.48
CA LEU A 94 -11.71 14.39 7.74
C LEU A 94 -11.01 15.26 8.79
N LEU A 95 -9.95 15.93 8.37
CA LEU A 95 -9.16 16.80 9.22
C LEU A 95 -10.04 17.88 9.86
N LEU A 96 -11.03 18.35 9.10
CA LEU A 96 -11.94 19.40 9.55
C LEU A 96 -13.16 18.92 10.36
N THR A 97 -13.20 17.65 10.71
CA THR A 97 -14.34 17.13 11.47
C THR A 97 -14.22 17.29 12.99
N GLU A 98 -13.02 17.57 13.48
CA GLU A 98 -12.83 17.72 14.92
C GLU A 98 -12.06 19.00 15.25
N ALA A 99 -12.38 19.59 16.40
CA ALA A 99 -11.68 20.79 16.85
C ALA A 99 -10.44 20.26 17.55
N ILE A 100 -9.39 20.07 16.75
CA ILE A 100 -8.12 19.53 17.22
C ILE A 100 -7.39 20.33 18.29
N GLU A 101 -7.01 19.66 19.36
CA GLU A 101 -6.27 20.29 20.45
C GLU A 101 -4.83 19.81 20.46
N GLN A 102 -4.63 18.51 20.19
CA GLN A 102 -3.30 17.91 20.17
C GLN A 102 -2.98 17.33 18.79
N PRO A 103 -1.78 17.61 18.25
CA PRO A 103 -1.41 17.09 16.93
C PRO A 103 -1.48 15.56 16.80
N GLN A 104 -1.39 14.85 17.92
CA GLN A 104 -1.47 13.39 17.90
C GLN A 104 -2.84 12.94 17.40
N GLU A 105 -3.84 13.81 17.52
CA GLU A 105 -5.19 13.49 17.09
C GLU A 105 -5.33 13.31 15.58
N VAL A 106 -4.42 13.91 14.81
CA VAL A 106 -4.49 13.79 13.37
C VAL A 106 -4.35 12.36 12.88
N SER A 107 -3.27 11.68 13.29
CA SER A 107 -3.07 10.28 12.87
C SER A 107 -4.25 9.41 13.26
N THR A 108 -4.90 9.70 14.39
CA THR A 108 -6.07 8.90 14.78
C THR A 108 -7.23 9.22 13.84
N ILE A 109 -7.41 10.51 13.54
CA ILE A 109 -8.47 10.95 12.64
C ILE A 109 -8.31 10.29 11.27
N PHE A 110 -7.06 10.23 10.80
CA PHE A 110 -6.69 9.66 9.49
C PHE A 110 -6.63 8.15 9.47
N GLU A 111 -6.74 7.51 10.63
CA GLU A 111 -6.64 6.06 10.70
C GLU A 111 -7.59 5.30 9.77
N GLU A 112 -8.80 5.81 9.56
CA GLU A 112 -9.73 5.11 8.70
C GLU A 112 -9.33 5.13 7.23
N VAL A 113 -8.45 6.05 6.85
CA VAL A 113 -7.98 6.08 5.46
C VAL A 113 -6.88 5.02 5.38
N LYS A 114 -7.04 4.04 4.49
CA LYS A 114 -6.03 3.00 4.35
C LYS A 114 -4.91 3.49 3.42
N GLY A 115 -3.65 3.20 3.77
CA GLY A 115 -2.53 3.63 2.94
C GLY A 115 -2.35 5.14 2.86
N HIS A 116 -1.95 5.63 1.69
CA HIS A 116 -1.75 7.06 1.46
C HIS A 116 -0.96 7.77 2.55
N TRP A 117 0.14 7.12 2.95
CA TRP A 117 1.03 7.63 3.98
C TRP A 117 1.56 9.01 3.62
N MET A 118 2.09 9.17 2.41
CA MET A 118 2.65 10.46 2.04
C MET A 118 1.63 11.60 2.02
N GLY A 119 0.39 11.29 1.64
CA GLY A 119 -0.65 12.31 1.64
C GLY A 119 -1.00 12.68 3.08
N LYS A 120 -1.07 11.69 3.96
CA LYS A 120 -1.37 11.92 5.38
C LYS A 120 -0.29 12.80 6.02
N ALA A 121 0.97 12.45 5.80
CA ALA A 121 2.07 13.20 6.39
C ALA A 121 2.11 14.67 5.98
N ALA A 122 1.71 14.97 4.75
CA ALA A 122 1.72 16.34 4.25
C ALA A 122 0.89 17.26 5.16
N LEU A 123 -0.27 16.79 5.59
CA LEU A 123 -1.15 17.59 6.45
C LEU A 123 -0.82 17.41 7.93
N GLU A 124 -0.47 16.18 8.31
CA GLU A 124 -0.14 15.86 9.69
C GLU A 124 1.10 16.64 10.14
N THR A 125 2.10 16.76 9.27
CA THR A 125 3.30 17.50 9.63
C THR A 125 3.00 18.99 9.77
N ALA A 126 2.06 19.49 8.97
CA ALA A 126 1.69 20.90 9.02
C ALA A 126 0.97 21.22 10.33
N ILE A 127 0.18 20.27 10.83
CA ILE A 127 -0.54 20.45 12.07
C ILE A 127 0.43 20.51 13.25
N TRP A 128 1.48 19.68 13.21
CA TRP A 128 2.47 19.69 14.27
C TRP A 128 3.16 21.05 14.29
N ASP A 129 3.48 21.55 13.10
CA ASP A 129 4.15 22.83 12.98
C ASP A 129 3.25 23.95 13.52
N LEU A 130 1.96 23.89 13.18
CA LEU A 130 0.99 24.88 13.64
C LEU A 130 0.86 24.87 15.15
N TYR A 131 0.74 23.67 15.72
CA TYR A 131 0.60 23.52 17.16
C TYR A 131 1.81 24.07 17.91
N ALA A 132 3.01 23.74 17.43
CA ALA A 132 4.23 24.23 18.08
C ALA A 132 4.26 25.75 18.08
N LYS A 133 3.98 26.36 16.93
CA LYS A 133 3.97 27.81 16.83
C LYS A 133 2.95 28.39 17.80
N ARG A 134 1.80 27.72 17.89
CA ARG A 134 0.71 28.10 18.77
C ARG A 134 1.16 28.07 20.23
N GLN A 135 2.04 27.14 20.55
CA GLN A 135 2.55 26.99 21.91
C GLN A 135 3.79 27.84 22.11
N GLN A 136 4.15 28.62 21.10
CA GLN A 136 5.33 29.48 21.18
C GLN A 136 6.61 28.69 21.40
N LYS A 137 6.75 27.56 20.71
CA LYS A 137 7.95 26.72 20.83
C LYS A 137 8.47 26.26 19.48
N SER A 138 9.74 25.87 19.45
CA SER A 138 10.32 25.32 18.23
C SER A 138 9.81 23.89 18.28
N LEU A 139 9.61 23.28 17.11
CA LEU A 139 9.09 21.92 17.02
C LEU A 139 9.96 20.94 17.78
N THR A 140 11.24 21.27 17.90
CA THR A 140 12.21 20.42 18.59
C THR A 140 11.86 20.24 20.06
N GLU A 141 11.09 21.18 20.61
CA GLU A 141 10.72 21.11 22.01
C GLU A 141 9.66 20.04 22.27
N PHE A 142 9.29 19.31 21.21
CA PHE A 142 8.31 18.24 21.32
C PHE A 142 8.91 16.87 20.99
N PHE A 143 10.18 16.85 20.58
CA PHE A 143 10.87 15.61 20.20
C PHE A 143 11.83 15.12 21.28
N GLY A 144 11.61 15.52 22.53
CA GLY A 144 12.50 15.11 23.58
C GLY A 144 13.87 15.75 23.38
N PRO A 145 14.95 15.12 23.85
CA PRO A 145 16.31 15.66 23.70
C PRO A 145 16.66 15.84 22.22
N THR A 146 17.18 17.02 21.87
CA THR A 146 17.56 17.30 20.48
C THR A 146 18.85 18.11 20.43
N ARG A 147 19.63 17.91 19.37
CA ARG A 147 20.89 18.62 19.19
C ARG A 147 20.68 19.93 18.42
N ARG A 148 21.65 20.84 18.55
CA ARG A 148 21.60 22.15 17.90
C ARG A 148 22.20 22.06 16.49
N LYS A 149 23.19 21.20 16.35
CA LYS A 149 23.86 20.98 15.08
C LYS A 149 24.12 19.49 14.97
N ILE A 150 23.99 18.96 13.76
CA ILE A 150 24.20 17.54 13.54
C ILE A 150 24.99 17.23 12.28
N PRO A 151 25.77 16.13 12.32
CA PRO A 151 26.56 15.73 11.16
C PRO A 151 25.60 14.99 10.23
N VAL A 152 25.80 15.14 8.92
CA VAL A 152 24.95 14.46 7.95
C VAL A 152 25.85 13.59 7.09
N GLY A 153 25.27 12.63 6.39
CA GLY A 153 26.05 11.76 5.56
C GLY A 153 26.02 12.15 4.11
N ILE A 154 26.84 11.47 3.32
CA ILE A 154 26.90 11.74 1.89
C ILE A 154 26.66 10.44 1.13
N SER A 155 25.96 10.55 0.00
CA SER A 155 25.65 9.39 -0.83
C SER A 155 26.50 9.44 -2.10
N LEU A 156 26.84 8.27 -2.64
CA LEU A 156 27.64 8.17 -3.85
C LEU A 156 27.14 7.05 -4.74
N GLY A 157 26.79 7.39 -5.97
CA GLY A 157 26.29 6.40 -6.91
C GLY A 157 27.38 5.44 -7.35
N ILE A 158 27.05 4.54 -8.27
CA ILE A 158 28.00 3.56 -8.78
C ILE A 158 29.12 4.25 -9.54
N GLN A 159 30.36 3.82 -9.27
CA GLN A 159 31.54 4.38 -9.91
C GLN A 159 32.52 3.27 -10.31
N GLU A 160 32.42 2.79 -11.54
CA GLU A 160 33.29 1.73 -12.01
C GLU A 160 34.76 2.15 -11.96
N ASP A 161 35.00 3.45 -12.04
CA ASP A 161 36.35 3.98 -11.99
C ASP A 161 36.75 4.14 -10.53
N LEU A 162 37.23 3.05 -9.93
CA LEU A 162 37.66 3.06 -8.53
C LEU A 162 38.52 4.27 -8.19
N PRO A 163 39.58 4.52 -8.97
CA PRO A 163 40.46 5.67 -8.71
C PRO A 163 39.69 6.94 -8.36
N GLN A 164 38.67 7.25 -9.15
CA GLN A 164 37.89 8.46 -8.89
C GLN A 164 37.07 8.28 -7.62
N LEU A 165 36.52 7.08 -7.43
CA LEU A 165 35.73 6.80 -6.25
C LEU A 165 36.55 7.13 -5.01
N LEU A 166 37.74 6.53 -4.94
CA LEU A 166 38.65 6.77 -3.81
C LEU A 166 38.89 8.26 -3.68
N LYS A 167 38.85 8.96 -4.81
CA LYS A 167 39.08 10.40 -4.81
C LYS A 167 37.90 11.14 -4.19
N GLN A 168 36.68 10.67 -4.46
CA GLN A 168 35.48 11.30 -3.91
C GLN A 168 35.38 11.08 -2.40
N VAL A 169 35.79 9.89 -1.96
CA VAL A 169 35.78 9.56 -0.55
C VAL A 169 36.82 10.44 0.14
N GLN A 170 37.93 10.68 -0.54
CA GLN A 170 38.98 11.52 0.00
C GLN A 170 38.46 12.95 0.08
N LEU A 171 37.60 13.33 -0.85
CA LEU A 171 37.01 14.67 -0.85
C LEU A 171 36.05 14.82 0.32
N ALA A 172 35.12 13.87 0.45
CA ALA A 172 34.14 13.89 1.52
C ALA A 172 34.84 14.01 2.87
N VAL A 173 35.80 13.13 3.12
CA VAL A 173 36.54 13.16 4.37
C VAL A 173 37.18 14.53 4.58
N GLU A 174 37.77 15.08 3.52
CA GLU A 174 38.40 16.39 3.63
C GLU A 174 37.33 17.44 3.92
N LYS A 175 36.12 17.20 3.41
CA LYS A 175 35.02 18.12 3.64
C LYS A 175 34.32 17.92 4.98
N GLY A 176 34.77 16.91 5.73
CA GLY A 176 34.20 16.67 7.05
C GLY A 176 33.10 15.63 7.26
N TYR A 177 32.55 15.07 6.19
CA TYR A 177 31.48 14.08 6.36
C TYR A 177 31.97 12.90 7.21
N GLN A 178 31.16 12.51 8.18
CA GLN A 178 31.53 11.41 9.08
C GLN A 178 30.93 10.05 8.71
N ARG A 179 30.36 9.97 7.52
CA ARG A 179 29.78 8.71 7.05
C ARG A 179 29.53 8.80 5.54
N VAL A 180 29.75 7.70 4.84
CA VAL A 180 29.52 7.65 3.40
C VAL A 180 28.64 6.47 3.02
N LYS A 181 27.73 6.69 2.08
CA LYS A 181 26.84 5.63 1.60
C LYS A 181 27.16 5.34 0.14
N LEU A 182 27.49 4.09 -0.16
CA LEU A 182 27.83 3.68 -1.51
C LEU A 182 26.75 2.79 -2.14
N LYS A 183 26.32 3.16 -3.35
CA LYS A 183 25.32 2.38 -4.06
C LYS A 183 26.04 1.11 -4.52
N ILE A 184 25.43 -0.04 -4.30
CA ILE A 184 26.02 -1.32 -4.66
C ILE A 184 25.13 -2.18 -5.55
N ARG A 185 25.76 -3.03 -6.35
CA ARG A 185 25.09 -3.90 -7.31
C ARG A 185 25.88 -5.22 -7.36
N PRO A 186 25.21 -6.37 -7.64
CA PRO A 186 25.83 -7.70 -7.71
C PRO A 186 27.28 -7.83 -8.17
N GLY A 187 27.65 -7.17 -9.26
CA GLY A 187 29.04 -7.26 -9.71
C GLY A 187 29.85 -6.03 -9.31
N TYR A 188 29.36 -5.33 -8.29
CA TYR A 188 30.01 -4.12 -7.82
C TYR A 188 29.73 -3.91 -6.33
N ASP A 189 30.51 -4.56 -5.48
CA ASP A 189 30.34 -4.42 -4.03
C ASP A 189 31.63 -4.56 -3.23
N VAL A 190 32.13 -5.79 -3.09
CA VAL A 190 33.36 -6.00 -2.33
C VAL A 190 34.51 -5.17 -2.88
N GLU A 191 34.59 -5.07 -4.21
CA GLU A 191 35.64 -4.31 -4.88
C GLU A 191 35.75 -2.87 -4.37
N PRO A 192 34.70 -2.05 -4.57
CA PRO A 192 34.79 -0.66 -4.08
C PRO A 192 34.84 -0.54 -2.56
N VAL A 193 34.14 -1.41 -1.85
CA VAL A 193 34.14 -1.37 -0.39
C VAL A 193 35.54 -1.68 0.15
N ALA A 194 36.12 -2.78 -0.30
CA ALA A 194 37.46 -3.18 0.16
C ALA A 194 38.45 -2.06 -0.10
N LEU A 195 38.30 -1.40 -1.24
CA LEU A 195 39.19 -0.31 -1.61
C LEU A 195 39.07 0.85 -0.62
N ILE A 196 37.84 1.17 -0.22
CA ILE A 196 37.62 2.26 0.72
C ILE A 196 37.98 1.91 2.15
N ARG A 197 37.78 0.65 2.54
CA ARG A 197 38.09 0.22 3.89
C ARG A 197 39.60 0.09 4.08
N GLN A 198 40.33 0.04 2.96
CA GLN A 198 41.78 -0.08 3.01
C GLN A 198 42.41 1.31 3.10
N HIS A 199 41.74 2.30 2.52
CA HIS A 199 42.23 3.68 2.54
C HIS A 199 41.59 4.51 3.66
N PHE A 200 40.52 3.99 4.26
CA PHE A 200 39.83 4.65 5.37
C PHE A 200 39.26 3.57 6.28
N PRO A 201 40.16 2.83 6.97
CA PRO A 201 39.77 1.75 7.87
C PRO A 201 38.91 2.15 9.07
N ASN A 202 38.74 3.45 9.29
CA ASN A 202 37.95 3.92 10.42
C ASN A 202 36.69 4.71 10.04
N LEU A 203 36.55 5.08 8.77
CA LEU A 203 35.40 5.84 8.32
C LEU A 203 34.09 5.04 8.32
N PRO A 204 33.03 5.60 8.90
CA PRO A 204 31.73 4.91 8.95
C PRO A 204 31.22 4.78 7.51
N LEU A 205 30.97 3.55 7.08
CA LEU A 205 30.53 3.32 5.73
C LEU A 205 29.36 2.35 5.63
N MET A 206 28.35 2.73 4.85
CA MET A 206 27.21 1.86 4.66
C MET A 206 27.06 1.61 3.17
N VAL A 207 26.26 0.63 2.83
CA VAL A 207 26.04 0.30 1.44
C VAL A 207 24.55 0.24 1.14
N ASP A 208 24.16 0.80 0.01
CA ASP A 208 22.76 0.79 -0.41
C ASP A 208 22.63 -0.21 -1.55
N ALA A 209 21.99 -1.35 -1.27
CA ALA A 209 21.83 -2.40 -2.28
C ALA A 209 20.68 -2.15 -3.25
N ASN A 210 19.81 -1.21 -2.91
CA ASN A 210 18.67 -0.86 -3.77
C ASN A 210 17.91 -2.04 -4.36
N SER A 211 17.69 -3.09 -3.57
CA SER A 211 16.96 -4.27 -4.02
C SER A 211 17.54 -4.91 -5.28
N ALA A 212 18.85 -4.79 -5.48
CA ALA A 212 19.48 -5.37 -6.66
C ALA A 212 19.91 -6.82 -6.50
N TYR A 213 19.80 -7.37 -5.29
CA TYR A 213 20.22 -8.75 -5.07
C TYR A 213 19.06 -9.71 -4.87
N THR A 214 19.39 -11.01 -4.90
CA THR A 214 18.42 -12.08 -4.69
C THR A 214 19.05 -12.98 -3.64
N LEU A 215 18.22 -13.78 -2.97
CA LEU A 215 18.72 -14.66 -1.91
C LEU A 215 19.88 -15.54 -2.38
N ALA A 216 19.90 -15.90 -3.66
CA ALA A 216 20.97 -16.74 -4.22
C ALA A 216 22.34 -16.06 -4.20
N ASP A 217 22.37 -14.74 -4.03
CA ASP A 217 23.63 -14.00 -3.98
C ASP A 217 24.18 -13.95 -2.55
N LEU A 218 23.66 -14.80 -1.68
CA LEU A 218 24.11 -14.84 -0.29
C LEU A 218 25.64 -14.83 -0.13
N PRO A 219 26.34 -15.78 -0.78
CA PRO A 219 27.81 -15.83 -0.67
C PRO A 219 28.50 -14.50 -0.99
N GLN A 220 27.98 -13.77 -1.98
CA GLN A 220 28.57 -12.49 -2.36
C GLN A 220 28.36 -11.44 -1.27
N LEU A 221 27.18 -11.44 -0.65
CA LEU A 221 26.88 -10.48 0.40
C LEU A 221 27.68 -10.79 1.67
N GLN A 222 27.91 -12.08 1.92
CA GLN A 222 28.68 -12.50 3.10
C GLN A 222 30.10 -11.92 3.05
N ARG A 223 30.64 -11.78 1.85
CA ARG A 223 31.98 -11.26 1.69
C ARG A 223 32.05 -9.83 2.18
N LEU A 224 30.91 -9.15 2.16
CA LEU A 224 30.83 -7.77 2.61
C LEU A 224 30.90 -7.71 4.13
N ASP A 225 30.53 -8.81 4.77
CA ASP A 225 30.50 -8.90 6.22
C ASP A 225 31.82 -8.70 6.94
N HIS A 226 32.90 -8.54 6.19
CA HIS A 226 34.19 -8.36 6.82
C HIS A 226 34.84 -7.00 6.57
N TYR A 227 34.01 -5.97 6.46
CA TYR A 227 34.53 -4.63 6.22
C TYR A 227 33.95 -3.62 7.21
N GLN A 228 33.50 -4.11 8.35
CA GLN A 228 32.94 -3.26 9.40
C GLN A 228 31.95 -2.25 8.82
N LEU A 229 30.99 -2.74 8.05
CA LEU A 229 29.97 -1.88 7.45
C LEU A 229 28.88 -1.57 8.46
N ALA A 230 28.48 -0.30 8.52
CA ALA A 230 27.42 0.10 9.45
C ALA A 230 26.15 -0.67 9.11
N MET A 231 25.91 -0.89 7.83
CA MET A 231 24.73 -1.63 7.40
C MET A 231 24.63 -1.79 5.89
N ILE A 232 23.80 -2.74 5.48
CA ILE A 232 23.56 -3.02 4.06
C ILE A 232 22.06 -2.80 3.88
N GLU A 233 21.70 -1.78 3.12
CA GLU A 233 20.29 -1.44 2.91
C GLU A 233 19.55 -2.19 1.82
N GLN A 234 18.40 -2.75 2.22
CA GLN A 234 17.49 -3.45 1.32
C GLN A 234 18.13 -4.23 0.17
N PRO A 235 18.94 -5.25 0.49
CA PRO A 235 19.58 -6.03 -0.59
C PRO A 235 18.57 -6.72 -1.49
N PHE A 236 17.48 -7.20 -0.90
CA PHE A 236 16.44 -7.90 -1.62
C PHE A 236 15.22 -7.01 -1.91
N ALA A 237 14.11 -7.63 -2.32
CA ALA A 237 12.90 -6.89 -2.69
C ALA A 237 12.33 -5.90 -1.67
N ALA A 238 11.74 -4.83 -2.21
CA ALA A 238 11.15 -3.76 -1.40
C ALA A 238 10.07 -4.27 -0.46
N ASP A 239 9.36 -5.32 -0.86
CA ASP A 239 8.28 -5.88 -0.04
C ASP A 239 8.66 -7.17 0.68
N ASP A 240 9.94 -7.46 0.79
CA ASP A 240 10.38 -8.70 1.44
C ASP A 240 10.83 -8.59 2.91
N PHE A 241 10.40 -9.56 3.71
CA PHE A 241 10.77 -9.65 5.12
C PHE A 241 11.51 -11.00 5.32
N LEU A 242 10.99 -12.05 4.70
CA LEU A 242 11.56 -13.39 4.85
C LEU A 242 12.95 -13.65 4.26
N ASP A 243 13.22 -13.21 3.04
CA ASP A 243 14.55 -13.42 2.47
C ASP A 243 15.55 -12.62 3.30
N HIS A 244 15.18 -11.41 3.66
CA HIS A 244 16.05 -10.54 4.46
C HIS A 244 16.41 -11.19 5.80
N ALA A 245 15.45 -11.90 6.39
CA ALA A 245 15.70 -12.57 7.66
C ALA A 245 16.72 -13.69 7.48
N GLN A 246 16.61 -14.43 6.38
CA GLN A 246 17.56 -15.51 6.10
C GLN A 246 18.97 -14.94 6.00
N LEU A 247 19.10 -13.85 5.25
CA LEU A 247 20.39 -13.20 5.08
C LEU A 247 20.90 -12.70 6.43
N GLN A 248 20.07 -11.97 7.16
CA GLN A 248 20.45 -11.39 8.45
C GLN A 248 21.01 -12.40 9.44
N ARG A 249 20.42 -13.59 9.49
CA ARG A 249 20.89 -14.63 10.39
C ARG A 249 22.29 -15.11 10.05
N GLU A 250 22.74 -14.80 8.83
CA GLU A 250 24.06 -15.23 8.36
C GLU A 250 25.09 -14.11 8.43
N LEU A 251 24.67 -12.91 8.78
CA LEU A 251 25.61 -11.78 8.83
C LEU A 251 25.74 -11.08 10.15
N LYS A 252 26.95 -10.59 10.41
CA LYS A 252 27.24 -9.84 11.62
C LYS A 252 26.79 -8.40 11.34
N THR A 253 26.93 -7.99 10.08
CA THR A 253 26.55 -6.65 9.66
C THR A 253 25.04 -6.47 9.72
N ARG A 254 24.61 -5.25 9.98
CA ARG A 254 23.19 -4.96 10.09
C ARG A 254 22.52 -4.79 8.75
N ILE A 255 21.38 -5.45 8.58
CA ILE A 255 20.63 -5.30 7.35
C ILE A 255 19.63 -4.18 7.64
N CYS A 256 19.43 -3.29 6.67
CA CYS A 256 18.52 -2.17 6.85
C CYS A 256 17.33 -2.24 5.89
N LEU A 257 16.13 -1.98 6.41
CA LEU A 257 14.92 -2.00 5.58
C LEU A 257 14.40 -0.57 5.42
N ASP A 258 13.68 -0.34 4.32
CA ASP A 258 13.17 0.99 3.98
C ASP A 258 11.71 0.99 3.48
N GLU A 259 11.53 0.77 2.18
CA GLU A 259 10.20 0.77 1.56
C GLU A 259 9.17 0.04 2.40
N ASN A 260 9.63 -1.08 2.93
CA ASN A 260 8.88 -2.02 3.76
C ASN A 260 8.38 -1.52 5.12
N ILE A 261 8.95 -0.44 5.64
CA ILE A 261 8.57 0.06 6.95
C ILE A 261 7.63 1.25 6.89
N ARG A 262 6.33 0.99 7.01
CA ARG A 262 5.32 2.05 6.95
C ARG A 262 4.77 2.43 8.31
N SER A 263 5.07 1.62 9.32
CA SER A 263 4.53 1.89 10.64
C SER A 263 5.26 1.14 11.73
N LEU A 264 4.81 1.36 12.96
CA LEU A 264 5.39 0.70 14.11
C LEU A 264 5.16 -0.79 13.94
N LYS A 265 3.96 -1.16 13.49
CA LYS A 265 3.65 -2.58 13.30
C LYS A 265 4.61 -3.24 12.32
N ASP A 266 5.01 -2.53 11.27
CA ASP A 266 5.95 -3.12 10.32
C ASP A 266 7.28 -3.44 11.02
N CYS A 267 7.67 -2.59 11.96
CA CYS A 267 8.92 -2.82 12.70
C CYS A 267 8.75 -4.02 13.63
N GLN A 268 7.56 -4.15 14.20
CA GLN A 268 7.28 -5.25 15.09
C GLN A 268 7.39 -6.57 14.33
N VAL A 269 6.84 -6.60 13.11
CA VAL A 269 6.93 -7.82 12.29
C VAL A 269 8.39 -8.12 11.93
N ALA A 270 9.12 -7.08 11.48
CA ALA A 270 10.53 -7.24 11.10
C ALA A 270 11.33 -7.81 12.26
N LEU A 271 11.10 -7.28 13.46
CA LEU A 271 11.80 -7.74 14.64
C LEU A 271 11.44 -9.20 14.95
N ALA A 272 10.15 -9.53 14.84
CA ALA A 272 9.70 -10.89 15.12
C ALA A 272 10.28 -11.93 14.14
N LEU A 273 10.47 -11.54 12.89
CA LEU A 273 11.01 -12.46 11.89
C LEU A 273 12.54 -12.40 11.84
N GLY A 274 13.11 -11.37 12.44
CA GLY A 274 14.55 -11.21 12.44
C GLY A 274 15.02 -10.70 11.08
N SER A 275 14.18 -9.89 10.43
CA SER A 275 14.48 -9.36 9.12
C SER A 275 15.61 -8.33 9.06
N CYS A 276 15.78 -7.55 10.13
CA CYS A 276 16.79 -6.52 10.11
C CYS A 276 17.19 -6.06 11.50
N ARG A 277 18.20 -5.20 11.54
CA ARG A 277 18.68 -4.64 12.79
C ARG A 277 18.90 -3.14 12.61
N SER A 278 18.29 -2.60 11.56
CA SER A 278 18.40 -1.17 11.28
C SER A 278 17.23 -0.72 10.43
N ILE A 279 16.78 0.53 10.65
CA ILE A 279 15.67 1.06 9.89
C ILE A 279 15.94 2.42 9.28
N ASN A 280 15.63 2.55 7.99
CA ASN A 280 15.75 3.80 7.25
C ASN A 280 14.40 4.49 7.50
N LEU A 281 14.41 5.56 8.27
CA LEU A 281 13.18 6.29 8.58
C LEU A 281 12.96 7.52 7.71
N LYS A 282 11.78 7.59 7.12
CA LYS A 282 11.41 8.75 6.30
C LYS A 282 10.03 9.13 6.77
N ILE A 283 9.92 10.33 7.33
CA ILE A 283 8.65 10.82 7.86
C ILE A 283 7.49 10.71 6.87
N PRO A 284 7.67 11.17 5.62
CA PRO A 284 6.56 11.06 4.67
C PRO A 284 6.09 9.62 4.43
N ARG A 285 7.05 8.70 4.32
CA ARG A 285 6.71 7.31 4.02
C ARG A 285 5.97 6.65 5.17
N VAL A 286 6.15 7.19 6.37
CA VAL A 286 5.53 6.63 7.58
C VAL A 286 4.19 7.30 7.99
N GLY A 287 3.78 8.34 7.29
CA GLY A 287 2.51 8.96 7.61
C GLY A 287 2.56 10.16 8.54
N GLY A 288 3.76 10.62 8.89
CA GLY A 288 3.85 11.78 9.75
C GLY A 288 4.75 11.63 10.96
N ILE A 289 4.84 12.71 11.72
CA ILE A 289 5.64 12.77 12.92
C ILE A 289 5.20 11.81 14.02
N HIS A 290 3.91 11.72 14.29
CA HIS A 290 3.45 10.82 15.35
C HIS A 290 3.90 9.38 15.15
N GLU A 291 3.73 8.85 13.94
CA GLU A 291 4.13 7.47 13.69
C GLU A 291 5.65 7.38 13.70
N ALA A 292 6.30 8.43 13.21
CA ALA A 292 7.75 8.45 13.16
C ALA A 292 8.31 8.39 14.59
N LEU A 293 7.67 9.10 15.52
CA LEU A 293 8.11 9.10 16.91
C LEU A 293 7.93 7.72 17.55
N LYS A 294 6.84 7.03 17.22
CA LYS A 294 6.61 5.70 17.76
C LYS A 294 7.65 4.72 17.22
N ILE A 295 8.01 4.88 15.95
CA ILE A 295 9.01 4.02 15.33
C ILE A 295 10.41 4.23 15.91
N ALA A 296 10.83 5.49 16.05
CA ALA A 296 12.14 5.80 16.62
C ALA A 296 12.27 5.19 18.03
N ALA A 297 11.24 5.37 18.84
CA ALA A 297 11.24 4.85 20.20
C ALA A 297 11.39 3.34 20.23
N PHE A 298 10.60 2.65 19.42
CA PHE A 298 10.65 1.19 19.35
C PHE A 298 12.04 0.71 18.90
N CYS A 299 12.68 1.49 18.04
CA CYS A 299 14.00 1.13 17.57
C CYS A 299 14.99 1.24 18.73
N GLN A 300 14.93 2.36 19.45
CA GLN A 300 15.81 2.60 20.59
C GLN A 300 15.60 1.54 21.67
N GLU A 301 14.37 1.05 21.79
CA GLU A 301 14.04 0.03 22.78
C GLU A 301 14.48 -1.37 22.37
N ASN A 302 14.59 -1.61 21.07
CA ASN A 302 14.97 -2.94 20.59
C ASN A 302 16.31 -3.04 19.87
N ASP A 303 17.19 -2.07 20.11
CA ASP A 303 18.51 -2.07 19.50
C ASP A 303 18.53 -2.07 17.97
N LEU A 304 17.60 -1.36 17.35
CA LEU A 304 17.55 -1.24 15.90
C LEU A 304 18.12 0.12 15.58
N LEU A 305 19.20 0.16 14.80
CA LEU A 305 19.81 1.43 14.43
C LEU A 305 18.88 2.16 13.48
N VAL A 306 18.33 3.29 13.91
CA VAL A 306 17.44 4.06 13.06
C VAL A 306 18.15 5.33 12.59
N TRP A 307 17.91 5.71 11.34
CA TRP A 307 18.52 6.91 10.79
C TRP A 307 17.53 7.49 9.79
N LEU A 308 17.65 8.79 9.52
CA LEU A 308 16.73 9.45 8.60
C LEU A 308 17.16 9.48 7.14
N GLY A 309 16.29 8.98 6.27
CA GLY A 309 16.57 8.98 4.84
C GLY A 309 15.96 10.22 4.21
N GLY A 310 16.34 10.52 2.97
CA GLY A 310 15.82 11.70 2.32
C GLY A 310 14.94 11.38 1.11
N MET A 311 14.16 12.38 0.70
CA MET A 311 13.29 12.23 -0.46
C MET A 311 13.28 13.48 -1.31
N PHE A 312 14.42 14.13 -1.42
CA PHE A 312 14.56 15.35 -2.22
C PHE A 312 13.53 16.38 -1.80
N GLU A 313 13.42 16.59 -0.49
CA GLU A 313 12.49 17.54 0.08
C GLU A 313 12.92 18.97 -0.22
N SER A 314 11.96 19.89 -0.16
CA SER A 314 12.25 21.30 -0.34
C SER A 314 12.63 21.71 1.07
N GLY A 315 12.94 22.99 1.26
CA GLY A 315 13.31 23.46 2.59
C GLY A 315 12.27 23.21 3.68
N VAL A 316 11.01 23.05 3.31
CA VAL A 316 9.96 22.81 4.29
C VAL A 316 10.14 21.43 4.94
N GLY A 317 10.21 20.40 4.10
CA GLY A 317 10.39 19.06 4.61
C GLY A 317 11.78 18.88 5.19
N ARG A 318 12.76 19.56 4.60
CA ARG A 318 14.15 19.47 5.07
C ARG A 318 14.34 20.06 6.46
N ALA A 319 13.62 21.14 6.77
CA ALA A 319 13.72 21.77 8.07
C ALA A 319 13.21 20.79 9.13
N LEU A 320 12.12 20.09 8.82
CA LEU A 320 11.56 19.11 9.74
C LEU A 320 12.51 17.94 9.89
N ASN A 321 13.10 17.50 8.77
CA ASN A 321 14.02 16.37 8.84
C ASN A 321 15.18 16.65 9.79
N LEU A 322 15.78 17.84 9.70
CA LEU A 322 16.89 18.21 10.56
C LEU A 322 16.45 18.21 12.03
N GLN A 323 15.29 18.80 12.31
CA GLN A 323 14.77 18.86 13.67
C GLN A 323 14.47 17.46 14.26
N PHE A 324 13.92 16.56 13.47
CA PHE A 324 13.62 15.22 13.94
C PHE A 324 14.89 14.39 14.10
N ALA A 325 15.78 14.51 13.12
CA ALA A 325 17.04 13.76 13.12
C ALA A 325 18.05 14.31 14.14
N SER A 326 17.74 15.44 14.77
CA SER A 326 18.66 16.02 15.74
C SER A 326 18.62 15.26 17.07
N GLN A 327 17.59 14.44 17.27
CA GLN A 327 17.48 13.66 18.50
C GLN A 327 18.78 12.85 18.57
N PRO A 328 19.43 12.81 19.74
CA PRO A 328 20.67 12.04 19.88
C PRO A 328 20.58 10.56 19.54
N THR A 329 19.37 10.00 19.52
CA THR A 329 19.20 8.59 19.18
C THR A 329 19.68 8.36 17.74
N PHE A 330 19.55 9.38 16.90
CA PHE A 330 19.98 9.27 15.51
C PHE A 330 21.49 9.52 15.42
N SER A 331 22.23 8.53 15.89
CA SER A 331 23.68 8.57 15.92
C SER A 331 24.32 8.48 14.55
N PHE A 332 23.70 7.70 13.66
CA PHE A 332 24.21 7.52 12.31
C PHE A 332 23.75 8.69 11.43
N PRO A 333 24.69 9.44 10.85
CA PRO A 333 24.32 10.58 9.99
C PRO A 333 23.33 10.18 8.89
N GLY A 334 22.28 10.97 8.73
CA GLY A 334 21.26 10.65 7.73
C GLY A 334 21.44 11.37 6.40
N ASP A 335 20.56 11.08 5.46
CA ASP A 335 20.64 11.73 4.15
C ASP A 335 19.90 13.05 4.22
N ILE A 336 20.60 14.04 4.74
CA ILE A 336 20.06 15.37 4.86
C ILE A 336 21.19 16.22 4.32
N SER A 337 20.86 17.13 3.40
CA SER A 337 21.88 17.98 2.82
C SER A 337 21.31 19.36 2.69
N ALA A 338 22.14 20.33 2.31
CA ALA A 338 21.66 21.68 2.11
C ALA A 338 20.79 21.54 0.86
N THR A 339 19.79 22.40 0.70
CA THR A 339 18.94 22.31 -0.47
C THR A 339 19.77 22.47 -1.76
N GLU A 340 20.91 23.15 -1.63
CA GLU A 340 21.79 23.40 -2.77
C GLU A 340 22.41 22.16 -3.40
N ARG A 341 22.45 21.05 -2.66
CA ARG A 341 23.03 19.83 -3.19
C ARG A 341 22.20 19.22 -4.31
N TYR A 342 20.89 19.50 -4.28
CA TYR A 342 19.98 18.96 -5.29
C TYR A 342 19.31 20.03 -6.13
N PHE A 343 19.07 21.19 -5.53
CA PHE A 343 18.38 22.26 -6.21
C PHE A 343 19.17 23.56 -6.37
N TYR A 344 18.80 24.32 -7.40
CA TYR A 344 19.44 25.60 -7.67
C TYR A 344 18.93 26.60 -6.63
N GLU A 345 17.62 26.62 -6.44
CA GLU A 345 17.02 27.52 -5.45
C GLU A 345 16.03 26.73 -4.61
N ASP A 346 15.55 27.36 -3.54
CA ASP A 346 14.60 26.73 -2.62
C ASP A 346 13.36 27.63 -2.53
N ILE A 347 12.31 27.15 -1.88
CA ILE A 347 11.12 27.96 -1.72
C ILE A 347 10.99 28.52 -0.30
N ILE A 348 12.07 28.49 0.45
CA ILE A 348 12.08 29.11 1.78
C ILE A 348 13.09 30.25 1.66
N THR A 349 12.98 31.25 2.51
CA THR A 349 13.86 32.40 2.45
C THR A 349 15.32 32.20 2.81
N GLU A 350 15.61 31.19 3.62
CA GLU A 350 16.98 30.97 4.04
C GLU A 350 17.58 29.60 3.69
N PRO A 351 18.85 29.59 3.28
CA PRO A 351 19.54 28.35 2.91
C PRO A 351 20.01 27.67 4.20
N PHE A 352 20.13 26.35 4.18
CA PHE A 352 20.58 25.65 5.39
C PHE A 352 22.11 25.68 5.50
N ILE A 353 22.59 25.96 6.71
CA ILE A 353 24.02 26.02 6.98
C ILE A 353 24.65 24.64 7.10
N LEU A 354 25.73 24.42 6.36
CA LEU A 354 26.45 23.16 6.40
C LEU A 354 27.94 23.48 6.46
N GLU A 355 28.57 23.19 7.60
CA GLU A 355 29.99 23.47 7.78
C GLU A 355 30.77 22.21 8.16
N GLN A 356 31.64 21.76 7.25
CA GLN A 356 32.44 20.57 7.45
C GLN A 356 31.63 19.34 7.87
N GLY A 357 30.60 19.03 7.08
CA GLY A 357 29.78 17.86 7.36
C GLY A 357 28.68 18.05 8.41
N THR A 358 28.65 19.21 9.05
CA THR A 358 27.65 19.49 10.09
C THR A 358 26.62 20.58 9.75
N MET A 359 25.34 20.25 9.93
CA MET A 359 24.26 21.17 9.63
C MET A 359 23.59 21.75 10.86
N THR A 360 23.19 23.01 10.75
CA THR A 360 22.53 23.70 11.84
C THR A 360 21.05 23.35 11.86
N VAL A 361 20.58 22.90 13.02
CA VAL A 361 19.18 22.55 13.20
C VAL A 361 18.39 23.84 13.35
N PRO A 362 17.30 24.00 12.59
CA PRO A 362 16.48 25.20 12.69
C PRO A 362 15.97 25.45 14.09
N GLN A 363 16.16 26.67 14.58
CA GLN A 363 15.66 27.06 15.89
C GLN A 363 14.46 27.87 15.42
N GLY A 364 13.81 28.64 16.26
CA GLY A 364 12.66 29.38 15.77
C GLY A 364 11.41 28.54 15.91
N LEU A 365 10.25 29.18 16.01
CA LEU A 365 8.98 28.49 16.20
C LEU A 365 8.64 27.47 15.12
N GLY A 366 8.05 26.35 15.52
CA GLY A 366 7.71 25.32 14.55
C GLY A 366 8.95 24.80 13.87
N ILE A 367 8.89 24.64 12.55
CA ILE A 367 10.04 24.14 11.79
C ILE A 367 11.07 25.23 11.51
N GLY A 368 10.76 26.46 11.93
CA GLY A 368 11.68 27.56 11.78
C GLY A 368 12.09 28.05 10.40
N VAL A 369 11.14 28.12 9.49
CA VAL A 369 11.42 28.60 8.13
C VAL A 369 10.30 29.55 7.72
N THR A 370 10.58 30.42 6.77
CA THR A 370 9.55 31.33 6.28
C THR A 370 9.55 31.13 4.77
N LEU A 371 8.36 31.00 4.19
CA LEU A 371 8.25 30.79 2.76
C LEU A 371 8.73 31.98 1.94
N SER A 372 9.30 31.70 0.78
CA SER A 372 9.79 32.74 -0.10
C SER A 372 8.69 33.06 -1.09
N GLN A 373 7.98 34.14 -0.86
CA GLN A 373 6.91 34.52 -1.76
C GLN A 373 7.45 34.72 -3.17
N THR A 374 8.64 35.31 -3.31
CA THR A 374 9.19 35.51 -4.66
C THR A 374 9.40 34.16 -5.37
N ASN A 375 10.08 33.23 -4.71
CA ASN A 375 10.31 31.93 -5.33
C ASN A 375 9.06 31.09 -5.54
N LEU A 376 8.04 31.25 -4.68
CA LEU A 376 6.82 30.50 -4.88
C LEU A 376 6.13 31.02 -6.15
N LEU A 377 6.25 32.32 -6.38
CA LEU A 377 5.63 32.91 -7.57
C LEU A 377 6.35 32.38 -8.81
N LYS A 378 7.65 32.17 -8.70
CA LYS A 378 8.43 31.69 -9.83
C LYS A 378 8.27 30.20 -10.12
N TYR A 379 8.08 29.40 -9.07
CA TYR A 379 8.02 27.95 -9.24
C TYR A 379 6.74 27.21 -8.89
N SER A 380 5.65 27.90 -8.62
CA SER A 380 4.44 27.16 -8.24
C SER A 380 3.12 27.75 -8.70
N GLN A 381 2.07 26.96 -8.55
CA GLN A 381 0.71 27.38 -8.87
C GLN A 381 0.00 27.41 -7.52
N TYR A 382 -0.61 28.55 -7.19
CA TYR A 382 -1.33 28.74 -5.93
C TYR A 382 -2.78 28.32 -6.01
N GLN A 383 -3.31 27.91 -4.86
CA GLN A 383 -4.70 27.48 -4.77
C GLN A 383 -5.18 27.57 -3.32
N LYS A 384 -6.30 28.25 -3.11
CA LYS A 384 -6.85 28.35 -1.76
C LYS A 384 -7.92 27.26 -1.66
N ILE A 385 -7.62 26.21 -0.92
CA ILE A 385 -8.55 25.09 -0.75
C ILE A 385 -9.71 25.51 0.14
N MET A 386 -9.39 26.17 1.25
CA MET A 386 -10.42 26.64 2.18
C MET A 386 -10.08 28.04 2.69
N SER B 18 2.80 -12.83 -35.78
CA SER B 18 1.41 -12.53 -35.35
C SER B 18 1.23 -12.62 -33.82
N HIS B 19 2.20 -12.11 -33.07
CA HIS B 19 2.09 -12.10 -31.61
C HIS B 19 0.98 -11.14 -31.22
N MET B 20 0.52 -11.23 -29.98
CA MET B 20 -0.54 -10.35 -29.50
C MET B 20 -0.11 -8.90 -29.71
N ASN B 21 -0.78 -8.22 -30.62
CA ASN B 21 -0.44 -6.82 -30.91
C ASN B 21 -1.67 -5.98 -30.62
N ILE B 22 -1.65 -5.28 -29.50
CA ILE B 22 -2.76 -4.46 -29.08
C ILE B 22 -3.08 -3.35 -30.07
N GLN B 23 -4.26 -3.43 -30.68
CA GLN B 23 -4.68 -2.43 -31.66
C GLN B 23 -5.38 -1.25 -30.99
N SER B 24 -6.11 -1.52 -29.92
CA SER B 24 -6.80 -0.46 -29.24
C SER B 24 -7.22 -0.80 -27.82
N ILE B 25 -7.45 0.23 -27.04
CA ILE B 25 -7.88 0.10 -25.66
C ILE B 25 -9.00 1.11 -25.48
N GLU B 26 -10.15 0.60 -25.05
CA GLU B 26 -11.31 1.45 -24.82
C GLU B 26 -11.73 1.26 -23.38
N THR B 27 -12.35 2.29 -22.80
CA THR B 27 -12.77 2.20 -21.42
C THR B 27 -14.14 2.84 -21.16
N TYR B 28 -14.92 2.24 -20.28
CA TYR B 28 -16.22 2.76 -19.93
C TYR B 28 -16.26 3.08 -18.44
N GLN B 29 -16.54 4.33 -18.08
CA GLN B 29 -16.66 4.68 -16.67
C GLN B 29 -18.12 4.42 -16.32
N VAL B 30 -18.37 3.25 -15.75
CA VAL B 30 -19.72 2.86 -15.39
C VAL B 30 -20.14 3.19 -13.95
N ARG B 31 -21.42 3.49 -13.76
CA ARG B 31 -21.98 3.76 -12.45
C ARG B 31 -23.30 3.00 -12.45
N LEU B 32 -23.32 1.86 -11.78
CA LEU B 32 -24.49 1.00 -11.73
C LEU B 32 -25.32 1.22 -10.46
N PRO B 33 -26.59 1.63 -10.60
CA PRO B 33 -27.47 1.87 -9.44
C PRO B 33 -27.57 0.67 -8.50
N LEU B 34 -27.45 0.95 -7.21
CA LEU B 34 -27.51 -0.09 -6.18
C LEU B 34 -28.91 -0.22 -5.59
N LYS B 35 -29.29 -1.45 -5.26
CA LYS B 35 -30.60 -1.65 -4.64
C LYS B 35 -30.48 -1.08 -3.23
N THR B 36 -29.29 -1.20 -2.65
CA THR B 36 -29.02 -0.68 -1.31
C THR B 36 -27.77 0.20 -1.36
N PRO B 37 -27.95 1.52 -1.51
CA PRO B 37 -26.83 2.48 -1.57
C PRO B 37 -25.86 2.39 -0.39
N PHE B 38 -24.59 2.72 -0.66
CA PHE B 38 -23.57 2.67 0.37
C PHE B 38 -23.53 3.93 1.23
N VAL B 39 -23.24 3.75 2.51
CA VAL B 39 -23.09 4.88 3.41
C VAL B 39 -21.63 4.82 3.88
N THR B 40 -20.85 5.83 3.52
CA THR B 40 -19.44 5.87 3.90
C THR B 40 -19.14 7.11 4.72
N SER B 41 -17.96 7.17 5.32
CA SER B 41 -17.55 8.31 6.13
C SER B 41 -17.51 9.56 5.27
N TYR B 42 -17.48 9.38 3.96
CA TYR B 42 -17.40 10.52 3.03
C TYR B 42 -18.73 10.91 2.44
N GLY B 43 -19.76 10.11 2.70
CA GLY B 43 -21.08 10.42 2.17
C GLY B 43 -21.79 9.17 1.67
N ARG B 44 -22.92 9.37 1.02
CA ARG B 44 -23.70 8.27 0.49
C ARG B 44 -23.29 7.97 -0.94
N LEU B 45 -23.47 6.71 -1.34
CA LEU B 45 -23.15 6.27 -2.70
C LEU B 45 -24.37 5.51 -3.22
N GLU B 46 -25.05 6.09 -4.19
CA GLU B 46 -26.25 5.47 -4.73
C GLU B 46 -25.98 4.44 -5.83
N GLU B 47 -24.72 4.35 -6.26
CA GLU B 47 -24.35 3.37 -7.27
C GLU B 47 -22.91 2.88 -7.06
N LYS B 48 -22.60 1.72 -7.63
CA LYS B 48 -21.24 1.19 -7.56
C LYS B 48 -20.54 1.66 -8.81
N ALA B 49 -19.48 2.46 -8.65
CA ALA B 49 -18.76 2.92 -9.82
C ALA B 49 -17.64 1.93 -10.13
N PHE B 50 -17.39 1.70 -11.41
CA PHE B 50 -16.33 0.81 -11.85
C PHE B 50 -16.00 1.15 -13.29
N ASP B 51 -14.78 0.86 -13.69
CA ASP B 51 -14.35 1.12 -15.06
C ASP B 51 -14.12 -0.20 -15.77
N LEU B 52 -14.55 -0.26 -17.02
CA LEU B 52 -14.38 -1.45 -17.83
C LEU B 52 -13.28 -1.13 -18.82
N PHE B 53 -12.50 -2.14 -19.19
CA PHE B 53 -11.45 -1.94 -20.17
C PHE B 53 -11.62 -3.03 -21.23
N VAL B 54 -11.56 -2.62 -22.49
CA VAL B 54 -11.71 -3.52 -23.63
C VAL B 54 -10.45 -3.41 -24.47
N ILE B 55 -9.67 -4.49 -24.49
CA ILE B 55 -8.41 -4.54 -25.23
C ILE B 55 -8.57 -5.38 -26.50
N THR B 56 -8.44 -4.74 -27.65
CA THR B 56 -8.59 -5.41 -28.94
C THR B 56 -7.25 -5.72 -29.60
N ASP B 57 -7.05 -6.97 -30.03
CA ASP B 57 -5.79 -7.34 -30.69
C ASP B 57 -5.88 -7.20 -32.21
N GLU B 58 -4.78 -7.51 -32.91
CA GLU B 58 -4.72 -7.37 -34.36
C GLU B 58 -5.68 -8.31 -35.10
N GLN B 59 -6.25 -9.26 -34.37
CA GLN B 59 -7.18 -10.22 -34.94
C GLN B 59 -8.63 -9.82 -34.71
N GLY B 60 -8.83 -8.78 -33.92
CA GLY B 60 -10.19 -8.35 -33.65
C GLY B 60 -10.73 -8.93 -32.36
N ASN B 61 -9.97 -9.84 -31.74
CA ASN B 61 -10.37 -10.43 -30.47
C ASN B 61 -10.40 -9.30 -29.45
N GLN B 62 -11.23 -9.44 -28.43
CA GLN B 62 -11.35 -8.41 -27.40
C GLN B 62 -11.28 -8.99 -25.97
N GLY B 63 -10.41 -8.40 -25.15
CA GLY B 63 -10.28 -8.85 -23.77
C GLY B 63 -10.98 -7.84 -22.87
N PHE B 64 -11.78 -8.32 -21.93
CA PHE B 64 -12.52 -7.45 -21.01
C PHE B 64 -11.95 -7.50 -19.60
N GLY B 65 -11.86 -6.34 -18.96
CA GLY B 65 -11.36 -6.27 -17.60
C GLY B 65 -12.11 -5.20 -16.83
N GLU B 66 -12.16 -5.36 -15.50
CA GLU B 66 -12.88 -4.39 -14.69
C GLU B 66 -12.04 -3.83 -13.54
N LEU B 67 -12.06 -2.50 -13.37
CA LEU B 67 -11.35 -1.85 -12.28
C LEU B 67 -12.44 -1.71 -11.22
N VAL B 68 -12.34 -2.54 -10.17
CA VAL B 68 -13.36 -2.58 -9.12
C VAL B 68 -13.15 -1.72 -7.89
N ALA B 69 -12.03 -0.98 -7.83
CA ALA B 69 -11.72 -0.13 -6.68
C ALA B 69 -12.85 0.80 -6.24
N PHE B 70 -13.06 0.88 -4.93
CA PHE B 70 -14.09 1.73 -4.35
C PHE B 70 -13.77 3.20 -4.55
N GLU B 71 -14.76 4.07 -4.35
CA GLU B 71 -14.57 5.51 -4.51
C GLU B 71 -13.98 6.18 -3.26
N GLN B 72 -13.64 5.37 -2.26
CA GLN B 72 -13.01 5.88 -1.04
C GLN B 72 -12.07 4.81 -0.53
N PRO B 73 -10.98 5.21 0.13
CA PRO B 73 -9.98 4.28 0.66
C PRO B 73 -10.34 3.71 2.02
N ASP B 74 -11.53 3.12 2.14
CA ASP B 74 -11.96 2.59 3.43
C ASP B 74 -11.67 1.09 3.54
N TYR B 75 -11.92 0.35 2.46
CA TYR B 75 -11.66 -1.08 2.48
C TYR B 75 -10.14 -1.25 2.35
N VAL B 76 -9.58 -0.65 1.31
CA VAL B 76 -8.16 -0.73 1.07
C VAL B 76 -7.70 0.61 0.47
N GLN B 77 -6.40 0.82 0.30
CA GLN B 77 -5.93 2.10 -0.23
C GLN B 77 -6.40 2.52 -1.62
N GLU B 78 -6.44 1.60 -2.57
CA GLU B 78 -6.86 1.99 -3.92
C GLU B 78 -8.25 2.58 -3.99
N THR B 79 -8.41 3.61 -4.84
CA THR B 79 -9.71 4.19 -5.09
C THR B 79 -9.85 4.22 -6.61
N LEU B 80 -11.08 4.29 -7.10
CA LEU B 80 -11.34 4.30 -8.53
C LEU B 80 -10.60 5.38 -9.32
N VAL B 81 -10.75 6.64 -8.91
CA VAL B 81 -10.13 7.75 -9.61
C VAL B 81 -8.62 7.68 -9.67
N THR B 82 -7.98 7.34 -8.55
CA THR B 82 -6.53 7.25 -8.52
C THR B 82 -6.00 6.06 -9.35
N GLU B 83 -6.64 4.90 -9.27
CA GLU B 83 -6.22 3.75 -10.05
C GLU B 83 -6.44 4.03 -11.54
N ARG B 84 -7.53 4.71 -11.87
CA ARG B 84 -7.84 5.07 -13.25
C ARG B 84 -6.68 5.87 -13.83
N PHE B 85 -6.12 6.77 -13.02
CA PHE B 85 -5.00 7.60 -13.43
C PHE B 85 -3.72 6.77 -13.59
N ILE B 86 -3.43 5.91 -12.62
CA ILE B 86 -2.23 5.08 -12.70
C ILE B 86 -2.29 4.19 -13.94
N ILE B 87 -3.49 3.75 -14.31
CA ILE B 87 -3.66 2.91 -15.49
C ILE B 87 -3.26 3.65 -16.76
N GLN B 88 -3.82 4.84 -16.98
CA GLN B 88 -3.48 5.57 -18.19
C GLN B 88 -2.10 6.20 -18.20
N GLN B 89 -1.62 6.64 -17.05
CA GLN B 89 -0.30 7.27 -16.97
C GLN B 89 0.91 6.36 -16.89
N HIS B 90 0.75 5.21 -16.24
CA HIS B 90 1.89 4.30 -16.07
C HIS B 90 1.74 2.87 -16.55
N LEU B 91 0.62 2.22 -16.24
CA LEU B 91 0.44 0.82 -16.63
C LEU B 91 0.25 0.58 -18.13
N ILE B 92 -0.69 1.30 -18.76
CA ILE B 92 -0.92 1.10 -20.18
C ILE B 92 0.38 1.32 -20.98
N PRO B 93 1.14 2.38 -20.68
CA PRO B 93 2.39 2.59 -21.43
C PRO B 93 3.34 1.39 -21.31
N LEU B 94 3.36 0.76 -20.13
CA LEU B 94 4.20 -0.41 -19.89
C LEU B 94 3.66 -1.60 -20.69
N LEU B 95 2.35 -1.74 -20.70
CA LEU B 95 1.72 -2.85 -21.41
C LEU B 95 1.95 -2.76 -22.91
N LEU B 96 2.03 -1.55 -23.45
CA LEU B 96 2.20 -1.36 -24.88
C LEU B 96 3.63 -1.39 -25.44
N THR B 97 4.63 -1.58 -24.59
CA THR B 97 6.01 -1.62 -25.07
C THR B 97 6.46 -2.99 -25.56
N GLU B 98 6.08 -4.03 -24.83
CA GLU B 98 6.44 -5.40 -25.17
C GLU B 98 5.29 -6.20 -25.76
N ALA B 99 5.60 -7.11 -26.67
CA ALA B 99 4.59 -7.97 -27.26
C ALA B 99 4.43 -9.10 -26.24
N ILE B 100 3.19 -9.44 -25.92
CA ILE B 100 2.95 -10.49 -24.94
C ILE B 100 2.69 -11.85 -25.59
N GLU B 101 3.38 -12.89 -25.11
CA GLU B 101 3.18 -14.24 -25.63
C GLU B 101 2.25 -14.99 -24.70
N GLN B 102 2.45 -14.81 -23.40
CA GLN B 102 1.62 -15.45 -22.39
C GLN B 102 1.14 -14.42 -21.37
N PRO B 103 -0.13 -14.52 -20.95
CA PRO B 103 -0.71 -13.59 -19.97
C PRO B 103 0.07 -13.45 -18.66
N GLN B 104 0.80 -14.50 -18.29
CA GLN B 104 1.60 -14.50 -17.07
C GLN B 104 2.71 -13.45 -17.12
N GLU B 105 3.04 -12.98 -18.32
CA GLU B 105 4.10 -11.99 -18.47
C GLU B 105 3.69 -10.59 -18.01
N VAL B 106 2.38 -10.33 -17.99
CA VAL B 106 1.87 -9.02 -17.57
C VAL B 106 2.32 -8.66 -16.14
N SER B 107 2.15 -9.57 -15.20
CA SER B 107 2.55 -9.29 -13.83
C SER B 107 4.03 -8.87 -13.81
N THR B 108 4.86 -9.55 -14.59
CA THR B 108 6.29 -9.19 -14.65
C THR B 108 6.49 -7.80 -15.23
N ILE B 109 5.73 -7.47 -16.26
CA ILE B 109 5.80 -6.17 -16.92
C ILE B 109 5.40 -5.02 -15.98
N PHE B 110 4.43 -5.29 -15.12
CA PHE B 110 3.92 -4.29 -14.17
C PHE B 110 4.72 -4.23 -12.86
N GLU B 111 5.62 -5.19 -12.70
CA GLU B 111 6.43 -5.30 -11.50
C GLU B 111 7.09 -4.01 -11.01
N GLU B 112 7.54 -3.17 -11.94
CA GLU B 112 8.20 -1.92 -11.55
C GLU B 112 7.25 -0.88 -10.96
N VAL B 113 5.94 -1.11 -11.08
CA VAL B 113 4.98 -0.18 -10.50
C VAL B 113 4.68 -0.77 -9.12
N LYS B 114 4.92 0.02 -8.07
CA LYS B 114 4.67 -0.43 -6.71
C LYS B 114 3.20 -0.29 -6.33
N GLY B 115 2.68 -1.30 -5.65
CA GLY B 115 1.28 -1.26 -5.24
C GLY B 115 0.29 -1.23 -6.37
N HIS B 116 -0.77 -0.44 -6.22
CA HIS B 116 -1.83 -0.30 -7.21
C HIS B 116 -2.28 -1.65 -7.77
N TRP B 117 -2.55 -2.57 -6.87
CA TRP B 117 -2.97 -3.91 -7.23
C TRP B 117 -4.22 -3.95 -8.10
N MET B 118 -5.27 -3.23 -7.68
CA MET B 118 -6.53 -3.23 -8.43
C MET B 118 -6.39 -2.65 -9.84
N GLY B 119 -5.56 -1.62 -9.98
CA GLY B 119 -5.34 -1.02 -11.29
C GLY B 119 -4.65 -2.03 -12.21
N LYS B 120 -3.71 -2.78 -11.67
CA LYS B 120 -3.00 -3.81 -12.44
C LYS B 120 -3.96 -4.92 -12.86
N ALA B 121 -4.75 -5.39 -11.91
CA ALA B 121 -5.71 -6.46 -12.14
C ALA B 121 -6.68 -6.12 -13.26
N ALA B 122 -7.14 -4.87 -13.30
CA ALA B 122 -8.08 -4.44 -14.33
C ALA B 122 -7.53 -4.76 -15.73
N LEU B 123 -6.25 -4.43 -15.94
CA LEU B 123 -5.61 -4.69 -17.25
C LEU B 123 -5.15 -6.13 -17.42
N GLU B 124 -4.56 -6.69 -16.36
CA GLU B 124 -4.06 -8.07 -16.40
C GLU B 124 -5.17 -9.09 -16.65
N THR B 125 -6.33 -8.92 -16.00
CA THR B 125 -7.43 -9.86 -16.21
C THR B 125 -7.96 -9.78 -17.63
N ALA B 126 -7.88 -8.58 -18.23
CA ALA B 126 -8.36 -8.40 -19.60
C ALA B 126 -7.44 -9.10 -20.59
N ILE B 127 -6.16 -9.16 -20.27
CA ILE B 127 -5.18 -9.82 -21.13
C ILE B 127 -5.39 -11.33 -21.08
N TRP B 128 -5.76 -11.85 -19.91
CA TRP B 128 -6.01 -13.28 -19.80
C TRP B 128 -7.23 -13.64 -20.64
N ASP B 129 -8.27 -12.80 -20.55
CA ASP B 129 -9.49 -13.01 -21.32
C ASP B 129 -9.12 -13.04 -22.81
N LEU B 130 -8.41 -12.01 -23.24
CA LEU B 130 -7.98 -11.89 -24.64
C LEU B 130 -7.21 -13.13 -25.12
N TYR B 131 -6.21 -13.52 -24.35
CA TYR B 131 -5.41 -14.69 -24.69
C TYR B 131 -6.28 -15.94 -24.84
N ALA B 132 -7.23 -16.12 -23.91
CA ALA B 132 -8.12 -17.27 -23.97
C ALA B 132 -8.89 -17.28 -25.29
N LYS B 133 -9.48 -16.13 -25.62
CA LYS B 133 -10.24 -15.98 -26.85
C LYS B 133 -9.34 -16.26 -28.05
N ARG B 134 -8.10 -15.79 -27.97
CA ARG B 134 -7.12 -16.01 -29.03
C ARG B 134 -7.00 -17.50 -29.31
N GLN B 135 -6.97 -18.30 -28.25
CA GLN B 135 -6.85 -19.77 -28.34
C GLN B 135 -8.21 -20.42 -28.58
N GLN B 136 -9.24 -19.59 -28.77
CA GLN B 136 -10.59 -20.09 -28.99
C GLN B 136 -10.97 -21.07 -27.89
N LYS B 137 -10.69 -20.70 -26.65
CA LYS B 137 -11.04 -21.53 -25.51
C LYS B 137 -11.62 -20.70 -24.39
N SER B 138 -12.35 -21.37 -23.51
CA SER B 138 -12.93 -20.72 -22.35
C SER B 138 -11.73 -20.45 -21.45
N LEU B 139 -11.78 -19.37 -20.68
CA LEU B 139 -10.66 -19.05 -19.79
C LEU B 139 -10.50 -20.19 -18.78
N THR B 140 -11.59 -20.89 -18.47
CA THR B 140 -11.54 -21.98 -17.52
C THR B 140 -10.52 -23.05 -17.93
N GLU B 141 -10.21 -23.10 -19.23
CA GLU B 141 -9.24 -24.08 -19.74
C GLU B 141 -7.82 -23.77 -19.30
N PHE B 142 -7.62 -22.62 -18.67
CA PHE B 142 -6.30 -22.23 -18.22
C PHE B 142 -6.19 -22.28 -16.69
N PHE B 143 -7.24 -22.74 -16.04
CA PHE B 143 -7.25 -22.83 -14.58
C PHE B 143 -7.20 -24.28 -14.13
N GLY B 144 -6.68 -25.16 -14.99
CA GLY B 144 -6.61 -26.56 -14.66
C GLY B 144 -8.02 -27.12 -14.56
N PRO B 145 -8.25 -28.15 -13.76
CA PRO B 145 -9.59 -28.72 -13.63
C PRO B 145 -10.59 -27.72 -13.02
N THR B 146 -11.79 -27.66 -13.59
CA THR B 146 -12.82 -26.74 -13.12
C THR B 146 -14.23 -27.34 -13.19
N ARG B 147 -15.11 -26.88 -12.30
CA ARG B 147 -16.49 -27.35 -12.24
C ARG B 147 -17.42 -26.56 -13.15
N ARG B 148 -18.50 -27.20 -13.60
CA ARG B 148 -19.47 -26.55 -14.48
C ARG B 148 -20.41 -25.68 -13.66
N LYS B 149 -20.69 -26.13 -12.45
CA LYS B 149 -21.56 -25.42 -11.54
C LYS B 149 -20.91 -25.48 -10.17
N ILE B 150 -21.12 -24.45 -9.35
CA ILE B 150 -20.53 -24.44 -8.03
C ILE B 150 -21.43 -23.85 -6.97
N PRO B 151 -21.37 -24.40 -5.75
CA PRO B 151 -22.19 -23.90 -4.66
C PRO B 151 -21.58 -22.57 -4.22
N VAL B 152 -22.42 -21.62 -3.86
CA VAL B 152 -21.94 -20.33 -3.40
C VAL B 152 -22.54 -20.10 -2.03
N GLY B 153 -21.88 -19.28 -1.22
CA GLY B 153 -22.38 -19.04 0.11
C GLY B 153 -23.33 -17.87 0.20
N ILE B 154 -23.74 -17.56 1.42
CA ILE B 154 -24.62 -16.43 1.64
C ILE B 154 -24.13 -15.74 2.90
N SER B 155 -24.25 -14.42 2.93
CA SER B 155 -23.81 -13.65 4.08
C SER B 155 -24.95 -12.81 4.64
N LEU B 156 -25.10 -12.87 5.96
CA LEU B 156 -26.13 -12.12 6.65
C LEU B 156 -25.48 -11.06 7.51
N GLY B 157 -26.09 -9.88 7.56
CA GLY B 157 -25.56 -8.80 8.35
C GLY B 157 -26.05 -8.95 9.78
N ILE B 158 -25.75 -7.96 10.60
CA ILE B 158 -26.16 -7.96 12.00
C ILE B 158 -27.67 -7.90 12.14
N GLN B 159 -28.22 -8.85 12.88
CA GLN B 159 -29.66 -8.92 13.12
C GLN B 159 -29.91 -9.00 14.62
N GLU B 160 -30.17 -7.84 15.24
CA GLU B 160 -30.41 -7.77 16.68
C GLU B 160 -31.62 -8.61 17.10
N ASP B 161 -32.57 -8.77 16.19
CA ASP B 161 -33.77 -9.56 16.43
C ASP B 161 -33.47 -11.01 16.07
N LEU B 162 -32.84 -11.73 16.99
CA LEU B 162 -32.48 -13.12 16.75
C LEU B 162 -33.56 -13.92 16.04
N PRO B 163 -34.82 -13.80 16.49
CA PRO B 163 -35.88 -14.56 15.82
C PRO B 163 -35.89 -14.36 14.31
N GLN B 164 -35.73 -13.13 13.85
CA GLN B 164 -35.73 -12.87 12.42
C GLN B 164 -34.46 -13.42 11.78
N LEU B 165 -33.36 -13.39 12.52
CA LEU B 165 -32.09 -13.90 12.00
C LEU B 165 -32.28 -15.39 11.71
N LEU B 166 -32.78 -16.10 12.72
CA LEU B 166 -33.04 -17.53 12.62
C LEU B 166 -33.93 -17.78 11.39
N LYS B 167 -34.83 -16.84 11.14
CA LYS B 167 -35.74 -16.91 10.00
C LYS B 167 -34.93 -16.83 8.70
N GLN B 168 -33.95 -15.94 8.69
CA GLN B 168 -33.09 -15.75 7.53
C GLN B 168 -32.34 -17.04 7.21
N VAL B 169 -31.67 -17.60 8.21
CA VAL B 169 -30.91 -18.83 8.01
C VAL B 169 -31.80 -19.93 7.46
N GLN B 170 -33.01 -20.03 8.00
CA GLN B 170 -33.95 -21.05 7.55
C GLN B 170 -34.29 -20.89 6.08
N LEU B 171 -34.51 -19.65 5.65
CA LEU B 171 -34.83 -19.39 4.25
C LEU B 171 -33.59 -19.67 3.39
N ALA B 172 -32.43 -19.39 3.96
CA ALA B 172 -31.17 -19.63 3.26
C ALA B 172 -31.05 -21.12 2.96
N VAL B 173 -31.26 -21.93 3.99
CA VAL B 173 -31.19 -23.39 3.86
C VAL B 173 -32.27 -23.90 2.91
N GLU B 174 -33.44 -23.30 2.99
CA GLU B 174 -34.57 -23.68 2.15
C GLU B 174 -34.17 -23.45 0.68
N LYS B 175 -33.43 -22.37 0.44
CA LYS B 175 -32.98 -22.03 -0.91
C LYS B 175 -31.72 -22.80 -1.32
N GLY B 176 -31.32 -23.78 -0.51
CA GLY B 176 -30.17 -24.60 -0.83
C GLY B 176 -28.75 -24.10 -0.57
N TYR B 177 -28.59 -22.99 0.13
CA TYR B 177 -27.24 -22.50 0.40
C TYR B 177 -26.49 -23.44 1.33
N GLN B 178 -25.31 -23.86 0.90
CA GLN B 178 -24.50 -24.79 1.67
C GLN B 178 -23.55 -24.18 2.70
N ARG B 179 -23.52 -22.86 2.79
CA ARG B 179 -22.67 -22.20 3.77
C ARG B 179 -23.24 -20.83 4.13
N VAL B 180 -23.08 -20.43 5.38
CA VAL B 180 -23.60 -19.14 5.84
C VAL B 180 -22.55 -18.33 6.59
N LYS B 181 -22.50 -17.04 6.30
CA LYS B 181 -21.56 -16.12 6.95
C LYS B 181 -22.32 -15.06 7.74
N LEU B 182 -22.04 -14.98 9.04
CA LEU B 182 -22.69 -13.99 9.89
C LEU B 182 -21.72 -12.88 10.28
N LYS B 183 -22.12 -11.64 10.04
CA LYS B 183 -21.27 -10.51 10.42
C LYS B 183 -21.36 -10.47 11.93
N ILE B 184 -20.25 -10.13 12.59
CA ILE B 184 -20.21 -10.10 14.04
C ILE B 184 -19.48 -8.89 14.59
N ARG B 185 -19.82 -8.50 15.82
CA ARG B 185 -19.20 -7.38 16.51
C ARG B 185 -19.28 -7.64 18.02
N PRO B 186 -18.42 -6.99 18.82
CA PRO B 186 -18.34 -7.12 20.28
C PRO B 186 -19.58 -7.53 21.08
N GLY B 187 -20.68 -6.79 20.96
CA GLY B 187 -21.87 -7.14 21.70
C GLY B 187 -22.82 -8.01 20.89
N TYR B 188 -22.29 -8.67 19.88
CA TYR B 188 -23.10 -9.52 19.02
C TYR B 188 -22.23 -10.57 18.36
N ASP B 189 -22.06 -11.70 19.04
CA ASP B 189 -21.25 -12.80 18.51
C ASP B 189 -21.65 -14.16 19.05
N VAL B 190 -21.34 -14.42 20.32
CA VAL B 190 -21.66 -15.70 20.94
C VAL B 190 -23.14 -16.05 20.95
N GLU B 191 -23.98 -15.09 21.32
CA GLU B 191 -25.42 -15.32 21.39
C GLU B 191 -26.02 -15.73 20.04
N PRO B 192 -25.83 -14.92 18.99
CA PRO B 192 -26.39 -15.28 17.69
C PRO B 192 -25.82 -16.56 17.06
N VAL B 193 -24.52 -16.80 17.24
CA VAL B 193 -23.90 -18.00 16.69
C VAL B 193 -24.45 -19.24 17.40
N ALA B 194 -24.69 -19.11 18.71
CA ALA B 194 -25.21 -20.22 19.50
C ALA B 194 -26.59 -20.59 18.99
N LEU B 195 -27.44 -19.59 18.80
CA LEU B 195 -28.80 -19.82 18.32
C LEU B 195 -28.84 -20.58 17.00
N ILE B 196 -28.04 -20.15 16.03
CA ILE B 196 -28.01 -20.80 14.73
C ILE B 196 -27.38 -22.20 14.77
N ARG B 197 -26.40 -22.38 15.65
CA ARG B 197 -25.77 -23.68 15.76
C ARG B 197 -26.72 -24.66 16.42
N GLN B 198 -27.62 -24.12 17.23
CA GLN B 198 -28.62 -24.94 17.93
C GLN B 198 -29.68 -25.45 16.98
N HIS B 199 -30.16 -24.59 16.09
CA HIS B 199 -31.20 -24.96 15.14
C HIS B 199 -30.61 -25.59 13.88
N PHE B 200 -29.31 -25.43 13.69
CA PHE B 200 -28.62 -26.01 12.53
C PHE B 200 -27.26 -26.49 12.99
N PRO B 201 -27.21 -27.72 13.53
CA PRO B 201 -26.00 -28.36 14.04
C PRO B 201 -24.90 -28.70 13.02
N ASN B 202 -25.28 -29.02 11.79
CA ASN B 202 -24.28 -29.37 10.79
C ASN B 202 -24.07 -28.37 9.65
N LEU B 203 -24.74 -27.22 9.73
CA LEU B 203 -24.62 -26.19 8.70
C LEU B 203 -23.26 -25.49 8.71
N PRO B 204 -22.54 -25.54 7.58
CA PRO B 204 -21.23 -24.88 7.52
C PRO B 204 -21.44 -23.41 7.87
N LEU B 205 -20.83 -22.97 8.96
CA LEU B 205 -21.00 -21.61 9.44
C LEU B 205 -19.66 -20.89 9.67
N MET B 206 -19.61 -19.62 9.28
CA MET B 206 -18.41 -18.83 9.49
C MET B 206 -18.89 -17.46 9.96
N VAL B 207 -17.97 -16.69 10.54
CA VAL B 207 -18.30 -15.37 11.04
C VAL B 207 -17.35 -14.32 10.43
N ASP B 208 -17.84 -13.10 10.26
CA ASP B 208 -17.04 -12.01 9.69
C ASP B 208 -16.94 -10.89 10.74
N ALA B 209 -15.78 -10.72 11.34
CA ALA B 209 -15.59 -9.69 12.38
C ALA B 209 -15.28 -8.29 11.86
N ASN B 210 -14.93 -8.19 10.59
CA ASN B 210 -14.59 -6.91 9.97
C ASN B 210 -13.77 -5.98 10.88
N SER B 211 -12.65 -6.49 11.38
CA SER B 211 -11.76 -5.73 12.24
C SER B 211 -12.46 -5.01 13.40
N ALA B 212 -13.53 -5.59 13.93
CA ALA B 212 -14.27 -4.96 15.02
C ALA B 212 -13.76 -5.26 16.42
N TYR B 213 -12.77 -6.14 16.54
CA TYR B 213 -12.21 -6.49 17.86
C TYR B 213 -10.76 -6.07 18.03
N THR B 214 -10.26 -6.20 19.26
CA THR B 214 -8.87 -5.90 19.58
C THR B 214 -8.33 -7.10 20.38
N LEU B 215 -7.02 -7.17 20.56
CA LEU B 215 -6.42 -8.30 21.27
C LEU B 215 -7.03 -8.50 22.66
N ALA B 216 -7.52 -7.42 23.26
CA ALA B 216 -8.13 -7.49 24.58
C ALA B 216 -9.43 -8.29 24.57
N ASP B 217 -9.97 -8.57 23.40
CA ASP B 217 -11.21 -9.35 23.30
C ASP B 217 -10.94 -10.83 23.10
N LEU B 218 -9.67 -11.24 23.16
CA LEU B 218 -9.33 -12.64 22.96
C LEU B 218 -10.22 -13.57 23.76
N PRO B 219 -10.46 -13.25 25.05
CA PRO B 219 -11.32 -14.11 25.85
C PRO B 219 -12.67 -14.36 25.18
N GLN B 220 -13.32 -13.28 24.76
CA GLN B 220 -14.62 -13.36 24.10
C GLN B 220 -14.57 -14.22 22.83
N LEU B 221 -13.59 -13.95 21.97
CA LEU B 221 -13.45 -14.70 20.71
C LEU B 221 -13.26 -16.20 20.91
N GLN B 222 -12.56 -16.59 21.97
CA GLN B 222 -12.34 -18.02 22.23
C GLN B 222 -13.62 -18.80 22.45
N ARG B 223 -14.68 -18.11 22.87
CA ARG B 223 -15.96 -18.78 23.11
C ARG B 223 -16.53 -19.37 21.83
N LEU B 224 -16.16 -18.80 20.69
CA LEU B 224 -16.66 -19.27 19.41
C LEU B 224 -16.10 -20.63 19.03
N ASP B 225 -15.00 -21.03 19.67
CA ASP B 225 -14.38 -22.32 19.39
C ASP B 225 -15.33 -23.48 19.69
N HIS B 226 -16.33 -23.20 20.53
CA HIS B 226 -17.31 -24.21 20.93
C HIS B 226 -18.36 -24.48 19.86
N TYR B 227 -18.51 -23.57 18.89
CA TYR B 227 -19.54 -23.75 17.88
C TYR B 227 -19.13 -24.30 16.52
N GLN B 228 -17.94 -24.88 16.45
CA GLN B 228 -17.46 -25.48 15.19
C GLN B 228 -17.56 -24.58 13.97
N LEU B 229 -17.04 -23.36 14.05
CA LEU B 229 -17.09 -22.44 12.91
C LEU B 229 -16.00 -22.80 11.90
N ALA B 230 -16.31 -22.64 10.61
CA ALA B 230 -15.34 -22.93 9.56
C ALA B 230 -14.17 -21.96 9.70
N MET B 231 -14.48 -20.72 10.08
CA MET B 231 -13.45 -19.70 10.25
C MET B 231 -14.00 -18.39 10.79
N ILE B 232 -13.10 -17.57 11.32
CA ILE B 232 -13.42 -16.25 11.85
C ILE B 232 -12.60 -15.29 11.00
N GLU B 233 -13.27 -14.44 10.22
CA GLU B 233 -12.58 -13.51 9.34
C GLU B 233 -12.16 -12.18 9.96
N GLN B 234 -10.91 -11.83 9.70
CA GLN B 234 -10.27 -10.59 10.16
C GLN B 234 -10.85 -9.92 11.41
N PRO B 235 -10.69 -10.55 12.59
CA PRO B 235 -11.22 -9.95 13.83
C PRO B 235 -10.49 -8.68 14.26
N PHE B 236 -9.18 -8.61 13.97
CA PHE B 236 -8.37 -7.46 14.35
C PHE B 236 -8.07 -6.53 13.15
N ALA B 237 -7.19 -5.56 13.35
CA ALA B 237 -6.85 -4.59 12.32
C ALA B 237 -6.49 -5.16 10.95
N ALA B 238 -6.96 -4.50 9.89
CA ALA B 238 -6.71 -4.92 8.52
C ALA B 238 -5.24 -5.03 8.17
N ASP B 239 -4.38 -4.33 8.93
CA ASP B 239 -2.95 -4.33 8.65
C ASP B 239 -2.14 -5.11 9.69
N ASP B 240 -2.82 -6.01 10.41
CA ASP B 240 -2.15 -6.77 11.46
C ASP B 240 -1.87 -8.24 11.19
N PHE B 241 -0.70 -8.69 11.65
CA PHE B 241 -0.27 -10.08 11.55
C PHE B 241 -0.02 -10.61 12.97
N LEU B 242 0.71 -9.85 13.77
CA LEU B 242 1.06 -10.27 15.13
C LEU B 242 -0.09 -10.53 16.11
N ASP B 243 -1.08 -9.64 16.16
CA ASP B 243 -2.21 -9.85 17.07
C ASP B 243 -3.01 -11.07 16.64
N HIS B 244 -3.21 -11.21 15.33
CA HIS B 244 -3.96 -12.35 14.80
C HIS B 244 -3.25 -13.66 15.15
N ALA B 245 -1.92 -13.65 15.11
CA ALA B 245 -1.13 -14.84 15.44
C ALA B 245 -1.32 -15.20 16.91
N GLN B 246 -1.42 -14.17 17.76
CA GLN B 246 -1.61 -14.36 19.20
C GLN B 246 -2.94 -15.06 19.40
N LEU B 247 -3.94 -14.68 18.61
CA LEU B 247 -5.28 -15.25 18.69
C LEU B 247 -5.32 -16.65 18.08
N GLN B 248 -4.71 -16.82 16.91
CA GLN B 248 -4.71 -18.10 16.23
C GLN B 248 -4.08 -19.20 17.07
N ARG B 249 -3.02 -18.86 17.81
CA ARG B 249 -2.35 -19.84 18.66
C ARG B 249 -3.28 -20.39 19.72
N GLU B 250 -4.19 -19.55 20.19
CA GLU B 250 -5.14 -19.93 21.23
C GLU B 250 -6.45 -20.51 20.70
N LEU B 251 -6.66 -20.46 19.39
CA LEU B 251 -7.90 -20.96 18.80
C LEU B 251 -7.80 -22.22 17.95
N LYS B 252 -8.84 -23.04 18.02
CA LYS B 252 -8.91 -24.26 17.25
C LYS B 252 -9.49 -23.87 15.89
N THR B 253 -10.35 -22.85 15.90
CA THR B 253 -10.99 -22.34 14.69
C THR B 253 -9.98 -21.59 13.83
N ARG B 254 -10.10 -21.73 12.52
CA ARG B 254 -9.21 -21.06 11.58
C ARG B 254 -9.51 -19.57 11.51
N ILE B 255 -8.47 -18.76 11.64
CA ILE B 255 -8.62 -17.32 11.51
C ILE B 255 -8.40 -17.04 10.02
N CYS B 256 -9.18 -16.13 9.43
CA CYS B 256 -9.04 -15.80 8.01
C CYS B 256 -8.60 -14.36 7.80
N LEU B 257 -7.62 -14.14 6.91
CA LEU B 257 -7.14 -12.78 6.63
C LEU B 257 -7.62 -12.30 5.26
N ASP B 258 -7.76 -10.99 5.11
CA ASP B 258 -8.27 -10.38 3.89
C ASP B 258 -7.44 -9.22 3.34
N GLU B 259 -7.66 -8.03 3.90
CA GLU B 259 -6.97 -6.83 3.45
C GLU B 259 -5.47 -7.00 3.35
N ASN B 260 -4.94 -7.68 4.35
CA ASN B 260 -3.53 -7.98 4.56
C ASN B 260 -2.85 -8.87 3.52
N ILE B 261 -3.64 -9.62 2.76
CA ILE B 261 -3.07 -10.54 1.79
C ILE B 261 -3.07 -9.99 0.38
N ARG B 262 -1.94 -9.40 -0.01
CA ARG B 262 -1.79 -8.81 -1.33
C ARG B 262 -1.02 -9.69 -2.29
N SER B 263 -0.20 -10.59 -1.75
CA SER B 263 0.61 -11.45 -2.59
C SER B 263 1.06 -12.73 -1.91
N LEU B 264 1.73 -13.55 -2.71
CA LEU B 264 2.26 -14.83 -2.26
C LEU B 264 3.11 -14.59 -1.01
N LYS B 265 3.98 -13.58 -1.06
CA LYS B 265 4.84 -13.29 0.09
C LYS B 265 4.08 -12.96 1.37
N ASP B 266 2.92 -12.32 1.26
CA ASP B 266 2.13 -12.00 2.45
C ASP B 266 1.62 -13.29 3.08
N CYS B 267 1.33 -14.29 2.25
CA CYS B 267 0.85 -15.58 2.72
C CYS B 267 2.01 -16.27 3.42
N GLN B 268 3.21 -16.10 2.87
CA GLN B 268 4.39 -16.71 3.44
C GLN B 268 4.72 -16.07 4.79
N VAL B 269 4.46 -14.77 4.92
CA VAL B 269 4.72 -14.10 6.19
C VAL B 269 3.69 -14.53 7.23
N ALA B 270 2.44 -14.66 6.81
CA ALA B 270 1.36 -15.06 7.70
C ALA B 270 1.60 -16.47 8.23
N LEU B 271 2.06 -17.36 7.34
CA LEU B 271 2.34 -18.74 7.71
C LEU B 271 3.50 -18.76 8.71
N ALA B 272 4.54 -17.98 8.43
CA ALA B 272 5.70 -17.92 9.30
C ALA B 272 5.34 -17.42 10.70
N LEU B 273 4.51 -16.38 10.76
CA LEU B 273 4.11 -15.82 12.06
C LEU B 273 2.99 -16.59 12.76
N GLY B 274 2.27 -17.41 12.00
CA GLY B 274 1.16 -18.16 12.57
C GLY B 274 -0.07 -17.26 12.67
N SER B 275 -0.16 -16.27 11.79
CA SER B 275 -1.27 -15.31 11.80
C SER B 275 -2.65 -15.85 11.41
N CYS B 276 -2.70 -16.88 10.57
CA CYS B 276 -3.99 -17.42 10.14
C CYS B 276 -3.91 -18.83 9.56
N ARG B 277 -5.07 -19.41 9.29
CA ARG B 277 -5.14 -20.74 8.71
C ARG B 277 -6.13 -20.74 7.55
N SER B 278 -6.50 -19.53 7.13
CA SER B 278 -7.44 -19.36 6.03
C SER B 278 -7.18 -18.04 5.32
N ILE B 279 -7.43 -18.01 4.02
CA ILE B 279 -7.20 -16.80 3.24
C ILE B 279 -8.41 -16.39 2.39
N ASN B 280 -8.85 -15.15 2.54
CA ASN B 280 -9.95 -14.65 1.74
C ASN B 280 -9.29 -14.10 0.48
N LEU B 281 -9.51 -14.75 -0.66
CA LEU B 281 -8.89 -14.33 -1.90
C LEU B 281 -9.78 -13.50 -2.83
N LYS B 282 -9.28 -12.34 -3.21
CA LYS B 282 -9.99 -11.46 -4.14
C LYS B 282 -9.00 -11.08 -5.23
N ILE B 283 -9.29 -11.50 -6.46
CA ILE B 283 -8.45 -11.26 -7.63
C ILE B 283 -8.00 -9.81 -7.80
N PRO B 284 -8.91 -8.84 -7.69
CA PRO B 284 -8.47 -7.46 -7.85
C PRO B 284 -7.49 -7.01 -6.76
N ARG B 285 -7.73 -7.45 -5.53
CA ARG B 285 -6.89 -7.06 -4.40
C ARG B 285 -5.47 -7.58 -4.51
N VAL B 286 -5.32 -8.72 -5.17
CA VAL B 286 -4.02 -9.35 -5.31
C VAL B 286 -3.28 -8.98 -6.60
N GLY B 287 -3.89 -8.13 -7.41
CA GLY B 287 -3.25 -7.70 -8.65
C GLY B 287 -3.52 -8.53 -9.89
N GLY B 288 -4.37 -9.54 -9.79
CA GLY B 288 -4.65 -10.33 -10.97
C GLY B 288 -4.68 -11.84 -10.83
N ILE B 289 -4.97 -12.48 -11.96
CA ILE B 289 -5.07 -13.92 -12.05
C ILE B 289 -3.77 -14.65 -11.74
N HIS B 290 -2.67 -14.18 -12.32
CA HIS B 290 -1.39 -14.83 -12.10
C HIS B 290 -1.05 -14.86 -10.61
N GLU B 291 -1.26 -13.73 -9.93
CA GLU B 291 -0.97 -13.67 -8.50
C GLU B 291 -1.98 -14.51 -7.71
N ALA B 292 -3.23 -14.51 -8.16
CA ALA B 292 -4.27 -15.27 -7.48
C ALA B 292 -3.93 -16.76 -7.57
N LEU B 293 -3.44 -17.18 -8.74
CA LEU B 293 -3.07 -18.57 -8.95
C LEU B 293 -1.90 -18.99 -8.07
N LYS B 294 -0.89 -18.13 -7.92
CA LYS B 294 0.27 -18.45 -7.09
C LYS B 294 -0.15 -18.55 -5.63
N ILE B 295 -1.04 -17.65 -5.22
CA ILE B 295 -1.53 -17.65 -3.86
C ILE B 295 -2.33 -18.92 -3.59
N ALA B 296 -3.24 -19.27 -4.49
CA ALA B 296 -4.05 -20.48 -4.30
C ALA B 296 -3.18 -21.74 -4.18
N ALA B 297 -2.15 -21.84 -5.01
CA ALA B 297 -1.27 -23.01 -4.98
C ALA B 297 -0.55 -23.10 -3.62
N PHE B 298 -0.09 -21.97 -3.13
CA PHE B 298 0.60 -21.95 -1.84
C PHE B 298 -0.33 -22.37 -0.69
N CYS B 299 -1.57 -21.91 -0.73
CA CYS B 299 -2.53 -22.26 0.32
C CYS B 299 -2.81 -23.77 0.31
N GLN B 300 -2.84 -24.36 -0.87
CA GLN B 300 -3.09 -25.79 -1.01
C GLN B 300 -1.95 -26.62 -0.43
N GLU B 301 -0.73 -26.11 -0.59
CA GLU B 301 0.45 -26.80 -0.10
C GLU B 301 0.71 -26.60 1.38
N ASN B 302 0.07 -25.63 2.01
CA ASN B 302 0.32 -25.38 3.42
C ASN B 302 -0.89 -25.36 4.33
N ASP B 303 -1.94 -26.08 3.95
CA ASP B 303 -3.15 -26.18 4.74
C ASP B 303 -3.76 -24.83 5.09
N LEU B 304 -3.86 -23.95 4.11
CA LEU B 304 -4.48 -22.64 4.32
C LEU B 304 -5.76 -22.71 3.52
N LEU B 305 -6.89 -22.72 4.21
CA LEU B 305 -8.18 -22.80 3.54
C LEU B 305 -8.40 -21.51 2.74
N VAL B 306 -8.40 -21.63 1.42
CA VAL B 306 -8.59 -20.45 0.58
C VAL B 306 -9.96 -20.46 -0.10
N TRP B 307 -10.59 -19.29 -0.13
CA TRP B 307 -11.89 -19.17 -0.79
C TRP B 307 -11.96 -17.81 -1.48
N LEU B 308 -12.94 -17.62 -2.36
CA LEU B 308 -13.04 -16.36 -3.08
C LEU B 308 -14.10 -15.41 -2.56
N GLY B 309 -13.74 -14.13 -2.45
CA GLY B 309 -14.65 -13.11 -1.97
C GLY B 309 -15.06 -12.18 -3.10
N GLY B 310 -16.16 -11.45 -2.91
CA GLY B 310 -16.62 -10.53 -3.94
C GLY B 310 -16.35 -9.09 -3.61
N MET B 311 -16.52 -8.22 -4.60
CA MET B 311 -16.30 -6.79 -4.41
C MET B 311 -17.33 -5.98 -5.19
N PHE B 312 -18.58 -6.44 -5.18
CA PHE B 312 -19.66 -5.76 -5.88
C PHE B 312 -19.36 -5.59 -7.37
N GLU B 313 -18.67 -6.56 -7.96
CA GLU B 313 -18.32 -6.47 -9.38
C GLU B 313 -19.52 -6.49 -10.32
N SER B 314 -19.29 -6.07 -11.56
CA SER B 314 -20.34 -6.11 -12.58
C SER B 314 -20.23 -7.52 -13.14
N GLY B 315 -21.02 -7.82 -14.16
CA GLY B 315 -20.97 -9.15 -14.75
C GLY B 315 -19.60 -9.54 -15.30
N VAL B 316 -18.81 -8.54 -15.70
CA VAL B 316 -17.49 -8.82 -16.24
C VAL B 316 -16.59 -9.46 -15.18
N GLY B 317 -16.48 -8.82 -14.02
CA GLY B 317 -15.66 -9.36 -12.95
C GLY B 317 -16.29 -10.60 -12.35
N ARG B 318 -17.62 -10.61 -12.25
CA ARG B 318 -18.34 -11.75 -11.68
C ARG B 318 -18.11 -13.03 -12.49
N ALA B 319 -18.09 -12.89 -13.82
CA ALA B 319 -17.87 -14.04 -14.70
C ALA B 319 -16.53 -14.67 -14.37
N LEU B 320 -15.51 -13.83 -14.26
CA LEU B 320 -14.16 -14.30 -13.94
C LEU B 320 -14.13 -14.97 -12.56
N ASN B 321 -14.74 -14.34 -11.57
CA ASN B 321 -14.76 -14.91 -10.23
C ASN B 321 -15.33 -16.32 -10.25
N LEU B 322 -16.47 -16.49 -10.93
CA LEU B 322 -17.12 -17.80 -11.05
C LEU B 322 -16.18 -18.84 -11.68
N GLN B 323 -15.53 -18.45 -12.77
CA GLN B 323 -14.59 -19.35 -13.45
C GLN B 323 -13.40 -19.71 -12.58
N PHE B 324 -12.83 -18.73 -11.88
CA PHE B 324 -11.67 -18.97 -11.02
C PHE B 324 -12.08 -19.80 -9.80
N ALA B 325 -13.26 -19.52 -9.26
CA ALA B 325 -13.75 -20.21 -8.08
C ALA B 325 -14.26 -21.61 -8.40
N SER B 326 -14.36 -21.93 -9.69
CA SER B 326 -14.86 -23.24 -10.11
C SER B 326 -13.84 -24.36 -9.94
N GLN B 327 -12.60 -24.02 -9.64
CA GLN B 327 -11.58 -25.05 -9.45
C GLN B 327 -12.01 -25.87 -8.23
N PRO B 328 -11.75 -27.17 -8.23
CA PRO B 328 -12.10 -28.09 -7.13
C PRO B 328 -11.52 -27.63 -5.80
N THR B 329 -10.32 -27.07 -5.86
CA THR B 329 -9.62 -26.55 -4.69
C THR B 329 -10.49 -25.64 -3.83
N PHE B 330 -11.26 -24.79 -4.49
CA PHE B 330 -12.13 -23.87 -3.77
C PHE B 330 -13.40 -24.60 -3.34
N SER B 331 -13.22 -25.44 -2.33
CA SER B 331 -14.30 -26.26 -1.78
C SER B 331 -15.26 -25.48 -0.88
N PHE B 332 -14.77 -24.45 -0.21
CA PHE B 332 -15.61 -23.63 0.67
C PHE B 332 -16.35 -22.61 -0.20
N PRO B 333 -17.69 -22.69 -0.25
CA PRO B 333 -18.50 -21.76 -1.06
C PRO B 333 -18.09 -20.30 -0.86
N GLY B 334 -17.87 -19.59 -1.96
CA GLY B 334 -17.44 -18.20 -1.86
C GLY B 334 -18.54 -17.15 -1.90
N ASP B 335 -18.14 -15.89 -1.76
CA ASP B 335 -19.09 -14.78 -1.80
C ASP B 335 -19.28 -14.32 -3.24
N ILE B 336 -20.14 -15.04 -3.96
CA ILE B 336 -20.44 -14.74 -5.35
C ILE B 336 -21.96 -14.93 -5.50
N SER B 337 -22.61 -13.94 -6.10
CA SER B 337 -24.04 -14.02 -6.29
C SER B 337 -24.38 -13.61 -7.71
N ALA B 338 -25.67 -13.59 -8.04
CA ALA B 338 -26.11 -13.16 -9.35
C ALA B 338 -25.99 -11.65 -9.30
N THR B 339 -25.83 -11.01 -10.45
CA THR B 339 -25.69 -9.57 -10.47
C THR B 339 -26.86 -8.85 -9.82
N GLU B 340 -28.08 -9.37 -10.02
CA GLU B 340 -29.26 -8.75 -9.44
C GLU B 340 -29.33 -8.79 -7.91
N ARG B 341 -28.32 -9.37 -7.26
CA ARG B 341 -28.34 -9.38 -5.81
C ARG B 341 -28.03 -7.98 -5.31
N TYR B 342 -27.25 -7.24 -6.09
CA TYR B 342 -26.85 -5.88 -5.71
C TYR B 342 -27.39 -4.79 -6.66
N PHE B 343 -27.61 -5.17 -7.92
CA PHE B 343 -28.06 -4.22 -8.94
C PHE B 343 -29.38 -4.60 -9.60
N TYR B 344 -29.96 -3.65 -10.33
CA TYR B 344 -31.22 -3.87 -11.04
C TYR B 344 -30.92 -4.44 -12.41
N GLU B 345 -29.78 -4.03 -12.97
CA GLU B 345 -29.36 -4.49 -14.29
C GLU B 345 -27.84 -4.67 -14.29
N ASP B 346 -27.33 -5.33 -15.33
CA ASP B 346 -25.90 -5.56 -15.46
C ASP B 346 -25.48 -4.91 -16.78
N ILE B 347 -24.18 -4.88 -17.05
CA ILE B 347 -23.70 -4.31 -18.30
C ILE B 347 -23.24 -5.38 -19.29
N ILE B 348 -23.67 -6.61 -19.04
CA ILE B 348 -23.39 -7.72 -19.94
C ILE B 348 -24.79 -8.17 -20.37
N THR B 349 -24.87 -8.86 -21.50
CA THR B 349 -26.15 -9.29 -22.05
C THR B 349 -26.93 -10.40 -21.34
N GLU B 350 -26.26 -11.39 -20.80
CA GLU B 350 -26.94 -12.50 -20.13
C GLU B 350 -26.81 -12.51 -18.62
N PRO B 351 -27.81 -13.06 -17.92
CA PRO B 351 -27.76 -13.12 -16.45
C PRO B 351 -27.11 -14.42 -16.00
N PHE B 352 -26.56 -14.43 -14.79
CA PHE B 352 -25.94 -15.65 -14.27
C PHE B 352 -27.07 -16.45 -13.65
N ILE B 353 -27.00 -17.77 -13.75
CA ILE B 353 -28.06 -18.57 -13.19
C ILE B 353 -27.71 -19.19 -11.84
N LEU B 354 -28.50 -18.82 -10.84
CA LEU B 354 -28.33 -19.31 -9.48
C LEU B 354 -29.57 -20.13 -9.17
N GLU B 355 -29.38 -21.42 -8.93
CA GLU B 355 -30.50 -22.30 -8.61
C GLU B 355 -30.16 -23.11 -7.35
N GLN B 356 -30.88 -22.85 -6.27
CA GLN B 356 -30.65 -23.54 -5.01
C GLN B 356 -29.21 -23.37 -4.50
N GLY B 357 -28.78 -22.13 -4.39
CA GLY B 357 -27.45 -21.83 -3.90
C GLY B 357 -26.30 -22.27 -4.78
N THR B 358 -26.60 -22.74 -5.99
CA THR B 358 -25.57 -23.19 -6.91
C THR B 358 -25.60 -22.37 -8.18
N MET B 359 -24.43 -21.89 -8.60
CA MET B 359 -24.32 -21.08 -9.80
C MET B 359 -23.57 -21.78 -10.93
N THR B 360 -24.01 -21.52 -12.16
CA THR B 360 -23.39 -22.12 -13.33
C THR B 360 -22.17 -21.31 -13.75
N VAL B 361 -21.08 -22.00 -14.00
CA VAL B 361 -19.84 -21.35 -14.42
C VAL B 361 -19.92 -21.04 -15.90
N PRO B 362 -19.85 -19.75 -16.27
CA PRO B 362 -19.92 -19.41 -17.68
C PRO B 362 -18.92 -20.14 -18.56
N GLN B 363 -19.40 -20.64 -19.68
CA GLN B 363 -18.56 -21.33 -20.64
C GLN B 363 -18.53 -20.37 -21.81
N GLY B 364 -17.86 -20.73 -22.89
CA GLY B 364 -17.77 -19.81 -24.00
C GLY B 364 -16.40 -19.18 -23.89
N LEU B 365 -15.91 -18.64 -25.00
CA LEU B 365 -14.58 -18.05 -25.05
C LEU B 365 -14.28 -17.03 -23.96
N GLY B 366 -13.06 -17.09 -23.44
CA GLY B 366 -12.66 -16.16 -22.40
C GLY B 366 -13.55 -16.25 -21.17
N ILE B 367 -14.03 -15.11 -20.71
CA ILE B 367 -14.90 -15.08 -19.53
C ILE B 367 -16.36 -15.44 -19.84
N GLY B 368 -16.67 -15.65 -21.12
CA GLY B 368 -18.00 -16.05 -21.53
C GLY B 368 -19.15 -15.07 -21.45
N VAL B 369 -18.85 -13.78 -21.45
CA VAL B 369 -19.88 -12.75 -21.37
C VAL B 369 -19.72 -11.77 -22.51
N THR B 370 -20.81 -11.14 -22.90
CA THR B 370 -20.78 -10.16 -23.97
C THR B 370 -21.36 -8.87 -23.43
N LEU B 371 -20.68 -7.76 -23.72
CA LEU B 371 -21.12 -6.47 -23.23
C LEU B 371 -22.47 -6.02 -23.79
N SER B 372 -23.27 -5.40 -22.92
CA SER B 372 -24.57 -4.89 -23.31
C SER B 372 -24.37 -3.44 -23.74
N GLN B 373 -24.38 -3.20 -25.04
CA GLN B 373 -24.19 -1.85 -25.55
C GLN B 373 -25.33 -0.92 -25.15
N THR B 374 -26.54 -1.46 -25.05
CA THR B 374 -27.68 -0.64 -24.68
C THR B 374 -27.53 -0.10 -23.26
N ASN B 375 -27.24 -0.99 -22.31
CA ASN B 375 -27.09 -0.59 -20.93
C ASN B 375 -25.82 0.21 -20.66
N LEU B 376 -24.75 -0.10 -21.39
CA LEU B 376 -23.51 0.65 -21.22
C LEU B 376 -23.80 2.07 -21.64
N LEU B 377 -24.67 2.22 -22.64
CA LEU B 377 -25.01 3.54 -23.14
C LEU B 377 -25.73 4.40 -22.11
N LYS B 378 -26.53 3.79 -21.25
CA LYS B 378 -27.25 4.56 -20.25
C LYS B 378 -26.58 4.64 -18.89
N TYR B 379 -25.58 3.80 -18.64
CA TYR B 379 -24.91 3.83 -17.34
C TYR B 379 -23.44 4.24 -17.38
N SER B 380 -22.88 4.43 -18.57
CA SER B 380 -21.46 4.78 -18.64
C SER B 380 -21.04 5.88 -19.60
N GLN B 381 -19.77 6.23 -19.49
CA GLN B 381 -19.15 7.24 -20.35
C GLN B 381 -18.04 6.52 -21.08
N TYR B 382 -18.09 6.57 -22.40
CA TYR B 382 -17.11 5.91 -23.25
C TYR B 382 -15.90 6.79 -23.61
N GLN B 383 -14.74 6.15 -23.74
CA GLN B 383 -13.52 6.83 -24.15
C GLN B 383 -12.51 5.85 -24.71
N LYS B 384 -11.95 6.21 -25.86
CA LYS B 384 -10.93 5.38 -26.50
C LYS B 384 -9.59 5.91 -26.02
N ILE B 385 -8.89 5.12 -25.20
CA ILE B 385 -7.59 5.53 -24.68
C ILE B 385 -6.56 5.54 -25.81
N MET B 386 -6.55 4.48 -26.60
CA MET B 386 -5.64 4.41 -27.74
C MET B 386 -6.22 3.46 -28.79
#